data_3HSQ
#
_entry.id   3HSQ
#
_cell.length_a   109.149
_cell.length_b   109.149
_cell.length_c   117.124
_cell.angle_alpha   90.00
_cell.angle_beta   90.00
_cell.angle_gamma   120.00
#
_symmetry.space_group_name_H-M   'P 3 2 1'
#
loop_
_entity.id
_entity.type
_entity.pdbx_description
1 polymer 'Acyl-[acyl-carrier-protein]--UDP-N-acetylglucosamine O-acyltransferase'
2 water water
#
_entity_poly.entity_id   1
_entity_poly.type   'polypeptide(L)'
_entity_poly.pdbx_seq_one_letter_code
;MKIHPTAIIDPKAELHESVEVGPYSIIEGNVSIQEGTIIEGHVKICAGSEIGKFNRFHQGAVIGVMPQDLGFNQQLLTKT
VIGDHNIFREYSNIHKGTKEDSPTVIGNKNYFMGNSHVGHDCILGNNNILTHGAVLAGHVTLGNFAFISGLVAVHQFCFV
GDYSMVAGLAKVVQDVPPYSTVDGNPSTVVGLNSVGMKRAGFSPEVRNAIKHAYKVIYHSGISTRKALDELEASGNLIEQ
VKYIIKFFRDSDRGVTNHR
;
_entity_poly.pdbx_strand_id   A,B,C
#
# COMPACT_ATOMS: atom_id res chain seq x y z
N MET A 1 -28.61 49.33 8.60
CA MET A 1 -27.56 50.15 7.92
C MET A 1 -28.08 50.91 6.69
N LYS A 2 -28.20 50.21 5.55
CA LYS A 2 -28.74 50.84 4.32
C LYS A 2 -29.25 49.87 3.25
N ILE A 3 -30.56 49.92 3.03
CA ILE A 3 -31.20 49.29 1.90
C ILE A 3 -31.54 50.39 0.90
N HIS A 4 -30.95 50.30 -0.28
CA HIS A 4 -31.25 51.25 -1.36
C HIS A 4 -32.74 51.28 -1.67
N PRO A 5 -33.31 52.48 -1.89
CA PRO A 5 -34.75 52.66 -2.16
C PRO A 5 -35.27 51.85 -3.35
N THR A 6 -34.38 51.49 -4.28
CA THR A 6 -34.76 50.75 -5.49
C THR A 6 -34.75 49.23 -5.32
N ALA A 7 -34.23 48.76 -4.18
CA ALA A 7 -34.25 47.33 -3.87
C ALA A 7 -35.68 46.85 -3.64
N ILE A 8 -35.96 45.63 -4.10
CA ILE A 8 -37.28 45.05 -3.96
C ILE A 8 -37.22 43.90 -2.96
N ILE A 9 -37.56 44.19 -1.71
CA ILE A 9 -37.47 43.24 -0.60
C ILE A 9 -38.85 42.89 -0.05
N ASP A 10 -39.26 41.65 -0.30
CA ASP A 10 -40.48 41.08 0.25
C ASP A 10 -40.60 41.39 1.76
N PRO A 11 -41.79 41.86 2.20
CA PRO A 11 -41.98 42.24 3.61
C PRO A 11 -41.79 41.07 4.60
N LYS A 12 -42.01 39.84 4.13
CA LYS A 12 -41.86 38.65 4.97
C LYS A 12 -40.41 38.21 5.19
N ALA A 13 -39.50 38.69 4.33
CA ALA A 13 -38.09 38.37 4.45
C ALA A 13 -37.51 38.94 5.75
N GLU A 14 -36.70 38.12 6.42
CA GLU A 14 -36.10 38.46 7.73
C GLU A 14 -34.65 38.91 7.60
N LEU A 15 -34.44 40.22 7.71
CA LEU A 15 -33.11 40.81 7.60
C LEU A 15 -32.71 41.53 8.89
N HIS A 16 -31.56 41.13 9.44
CA HIS A 16 -30.92 41.86 10.53
C HIS A 16 -30.73 43.32 10.13
N GLU A 17 -30.90 44.23 11.09
CA GLU A 17 -30.83 45.68 10.83
C GLU A 17 -29.56 46.13 10.10
N SER A 18 -28.45 45.46 10.38
CA SER A 18 -27.13 45.81 9.83
C SER A 18 -26.96 45.44 8.36
N VAL A 19 -27.88 44.63 7.83
CA VAL A 19 -27.79 44.12 6.46
C VAL A 19 -27.89 45.23 5.40
N GLU A 20 -26.88 45.27 4.53
CA GLU A 20 -26.84 46.23 3.44
C GLU A 20 -27.26 45.57 2.13
N VAL A 21 -28.24 46.18 1.46
CA VAL A 21 -28.76 45.73 0.18
C VAL A 21 -28.66 46.87 -0.84
N GLY A 22 -27.93 46.62 -1.93
CA GLY A 22 -27.69 47.64 -2.96
C GLY A 22 -28.77 47.78 -4.02
N PRO A 23 -28.51 48.63 -5.03
CA PRO A 23 -29.51 49.04 -6.01
C PRO A 23 -30.02 47.94 -6.95
N TYR A 24 -31.34 47.89 -7.08
CA TYR A 24 -32.02 47.01 -8.04
C TYR A 24 -31.89 45.51 -7.69
N SER A 25 -31.60 45.25 -6.41
CA SER A 25 -31.55 43.89 -5.89
C SER A 25 -32.95 43.39 -5.50
N ILE A 26 -33.16 42.09 -5.67
CA ILE A 26 -34.43 41.46 -5.41
C ILE A 26 -34.27 40.41 -4.32
N ILE A 27 -35.02 40.57 -3.23
CA ILE A 27 -35.06 39.54 -2.18
C ILE A 27 -36.50 39.06 -2.02
N GLU A 28 -36.67 37.74 -2.14
CA GLU A 28 -37.99 37.13 -2.09
C GLU A 28 -38.39 36.77 -0.65
N GLY A 29 -39.58 36.20 -0.50
CA GLY A 29 -40.07 35.74 0.81
C GLY A 29 -39.44 34.41 1.14
N ASN A 30 -39.62 33.95 2.38
CA ASN A 30 -38.95 32.76 2.90
C ASN A 30 -37.42 32.86 2.81
N VAL A 31 -36.93 34.07 3.13
CA VAL A 31 -35.52 34.36 3.14
C VAL A 31 -35.14 34.86 4.52
N SER A 32 -34.00 34.40 5.01
CA SER A 32 -33.41 34.95 6.24
C SER A 32 -31.94 35.26 6.04
N ILE A 33 -31.56 36.49 6.38
CA ILE A 33 -30.19 36.97 6.22
C ILE A 33 -29.67 37.53 7.55
N GLN A 34 -28.56 36.99 8.04
CA GLN A 34 -28.03 37.38 9.34
C GLN A 34 -27.02 38.52 9.31
N GLU A 35 -26.63 38.96 10.52
CA GLU A 35 -25.84 40.16 10.74
C GLU A 35 -24.57 40.28 9.89
N GLY A 36 -24.33 41.48 9.36
CA GLY A 36 -23.05 41.80 8.75
C GLY A 36 -22.97 41.50 7.26
N THR A 37 -24.06 40.96 6.72
CA THR A 37 -24.13 40.59 5.32
C THR A 37 -24.39 41.80 4.43
N ILE A 38 -23.60 41.88 3.36
CA ILE A 38 -23.73 42.93 2.36
C ILE A 38 -24.09 42.33 1.00
N ILE A 39 -25.19 42.83 0.46
CA ILE A 39 -25.65 42.50 -0.88
C ILE A 39 -25.48 43.74 -1.77
N GLU A 40 -24.72 43.61 -2.86
CA GLU A 40 -24.49 44.70 -3.80
C GLU A 40 -25.70 44.90 -4.73
N GLY A 41 -25.45 45.41 -5.94
CA GLY A 41 -26.52 45.69 -6.89
C GLY A 41 -26.95 44.49 -7.72
N HIS A 42 -28.18 44.54 -8.22
CA HIS A 42 -28.72 43.52 -9.17
C HIS A 42 -28.64 42.06 -8.69
N VAL A 43 -28.45 41.88 -7.38
CA VAL A 43 -28.42 40.55 -6.78
C VAL A 43 -29.85 40.03 -6.61
N LYS A 44 -30.03 38.73 -6.82
CA LYS A 44 -31.30 38.10 -6.51
C LYS A 44 -31.15 37.01 -5.45
N ILE A 45 -31.93 37.14 -4.38
CA ILE A 45 -31.99 36.13 -3.33
C ILE A 45 -33.38 35.50 -3.35
N CYS A 46 -33.41 34.22 -3.69
CA CYS A 46 -34.67 33.52 -3.91
C CYS A 46 -35.23 32.90 -2.65
N ALA A 47 -36.54 32.67 -2.66
CA ALA A 47 -37.25 31.97 -1.60
C ALA A 47 -36.55 30.68 -1.21
N GLY A 48 -36.37 30.49 0.09
CA GLY A 48 -35.72 29.30 0.63
C GLY A 48 -34.29 29.56 1.02
N SER A 49 -33.81 30.78 0.82
CA SER A 49 -32.42 31.10 1.11
C SER A 49 -32.26 31.45 2.58
N GLU A 50 -31.31 30.78 3.23
CA GLU A 50 -31.01 30.99 4.64
C GLU A 50 -29.52 31.29 4.79
N ILE A 51 -29.23 32.57 4.99
CA ILE A 51 -27.90 33.14 4.87
C ILE A 51 -27.41 33.63 6.23
N GLY A 52 -26.18 33.25 6.58
CA GLY A 52 -25.57 33.63 7.84
C GLY A 52 -24.97 35.02 7.87
N LYS A 53 -23.92 35.14 8.65
CA LYS A 53 -23.35 36.42 9.02
C LYS A 53 -22.15 36.79 8.17
N PHE A 54 -22.00 38.08 7.93
CA PHE A 54 -20.81 38.62 7.26
C PHE A 54 -20.48 37.96 5.91
N ASN A 55 -21.53 37.67 5.15
CA ASN A 55 -21.43 37.23 3.77
C ASN A 55 -21.41 38.43 2.83
N ARG A 56 -20.72 38.30 1.70
CA ARG A 56 -20.77 39.32 0.65
C ARG A 56 -21.30 38.73 -0.67
N PHE A 57 -22.29 39.40 -1.24
CA PHE A 57 -22.83 39.05 -2.54
C PHE A 57 -22.59 40.21 -3.53
N HIS A 58 -21.71 39.96 -4.50
CA HIS A 58 -21.36 40.94 -5.51
C HIS A 58 -22.42 41.03 -6.60
N GLN A 59 -22.36 42.13 -7.35
CA GLN A 59 -23.31 42.45 -8.40
C GLN A 59 -23.74 41.26 -9.27
N GLY A 60 -25.04 41.04 -9.36
CA GLY A 60 -25.59 40.03 -10.29
C GLY A 60 -25.54 38.59 -9.82
N ALA A 61 -25.04 38.36 -8.61
CA ALA A 61 -25.09 37.04 -8.00
C ALA A 61 -26.55 36.62 -7.81
N VAL A 62 -26.84 35.35 -8.04
CA VAL A 62 -28.19 34.82 -7.93
C VAL A 62 -28.18 33.58 -7.02
N ILE A 63 -28.98 33.65 -5.96
CA ILE A 63 -28.90 32.69 -4.87
C ILE A 63 -30.23 31.98 -4.65
N GLY A 64 -30.18 30.66 -4.68
CA GLY A 64 -31.36 29.83 -4.42
C GLY A 64 -32.24 29.69 -5.64
N VAL A 65 -31.65 29.85 -6.83
CA VAL A 65 -32.42 29.75 -8.08
C VAL A 65 -32.85 28.29 -8.33
N MET A 66 -33.93 28.10 -9.09
CA MET A 66 -34.47 26.77 -9.38
C MET A 66 -33.40 25.78 -9.82
N PRO A 67 -33.49 24.51 -9.37
CA PRO A 67 -32.58 23.49 -9.86
C PRO A 67 -32.68 23.33 -11.38
N GLN A 68 -31.55 23.01 -12.01
CA GLN A 68 -31.54 22.78 -13.47
C GLN A 68 -31.75 21.29 -13.73
N ASP A 69 -32.91 20.83 -13.27
CA ASP A 69 -33.33 19.45 -13.30
C ASP A 69 -34.75 19.50 -13.81
N LEU A 70 -34.99 18.83 -14.95
CA LEU A 70 -36.26 18.93 -15.66
C LEU A 70 -37.41 18.25 -14.90
N GLY A 71 -37.08 17.25 -14.10
CA GLY A 71 -38.08 16.50 -13.34
C GLY A 71 -38.47 17.10 -12.00
N PHE A 72 -37.83 18.20 -11.64
CA PHE A 72 -38.09 18.88 -10.38
C PHE A 72 -39.42 19.64 -10.36
N ASN A 73 -40.20 19.39 -9.32
CA ASN A 73 -41.46 20.07 -9.06
C ASN A 73 -41.21 21.46 -8.47
N GLN A 74 -41.37 22.49 -9.30
CA GLN A 74 -41.07 23.87 -8.93
C GLN A 74 -41.96 24.46 -7.82
N GLN A 75 -43.00 23.72 -7.44
CA GLN A 75 -43.93 24.17 -6.39
C GLN A 75 -43.39 24.00 -4.96
N LEU A 76 -42.37 23.16 -4.81
CA LEU A 76 -41.82 22.79 -3.49
C LEU A 76 -40.96 23.90 -2.88
N LEU A 77 -41.10 24.08 -1.57
CA LEU A 77 -40.23 25.00 -0.83
C LEU A 77 -38.94 24.27 -0.45
N THR A 78 -37.96 24.35 -1.33
CA THR A 78 -36.65 23.75 -1.08
C THR A 78 -35.68 24.88 -0.75
N LYS A 79 -34.51 24.52 -0.24
CA LYS A 79 -33.69 25.51 0.46
C LYS A 79 -32.23 25.62 -0.01
N THR A 80 -31.64 26.77 0.30
CA THR A 80 -30.24 27.03 0.12
C THR A 80 -29.73 27.55 1.45
N VAL A 81 -28.82 26.79 2.05
CA VAL A 81 -28.27 27.10 3.36
C VAL A 81 -26.85 27.59 3.20
N ILE A 82 -26.63 28.83 3.62
CA ILE A 82 -25.32 29.45 3.53
C ILE A 82 -24.89 29.91 4.92
N GLY A 83 -23.67 29.56 5.32
CA GLY A 83 -23.10 29.96 6.60
C GLY A 83 -22.54 31.37 6.63
N ASP A 84 -21.38 31.54 7.27
CA ASP A 84 -20.82 32.86 7.53
C ASP A 84 -19.57 33.14 6.72
N HIS A 85 -19.27 34.42 6.52
CA HIS A 85 -18.02 34.88 5.89
C HIS A 85 -17.73 34.40 4.46
N ASN A 86 -18.77 34.02 3.73
CA ASN A 86 -18.60 33.61 2.34
C ASN A 86 -18.60 34.79 1.38
N ILE A 87 -17.89 34.64 0.26
CA ILE A 87 -17.87 35.66 -0.80
C ILE A 87 -18.45 35.08 -2.10
N PHE A 88 -19.49 35.73 -2.61
CA PHE A 88 -20.10 35.33 -3.87
C PHE A 88 -19.86 36.46 -4.87
N ARG A 89 -18.95 36.19 -5.80
CA ARG A 89 -18.58 37.19 -6.80
C ARG A 89 -19.63 37.40 -7.88
N GLU A 90 -19.31 38.30 -8.81
CA GLU A 90 -20.22 38.78 -9.84
C GLU A 90 -20.77 37.66 -10.72
N TYR A 91 -22.10 37.56 -10.76
CA TYR A 91 -22.82 36.60 -11.61
C TYR A 91 -22.62 35.12 -11.23
N SER A 92 -22.09 34.88 -10.03
CA SER A 92 -22.08 33.54 -9.48
C SER A 92 -23.53 33.13 -9.19
N ASN A 93 -23.78 31.83 -9.24
CA ASN A 93 -25.12 31.33 -9.20
C ASN A 93 -25.18 30.06 -8.39
N ILE A 94 -25.98 30.13 -7.34
CA ILE A 94 -26.14 29.02 -6.42
C ILE A 94 -27.59 28.54 -6.52
N HIS A 95 -27.74 27.26 -6.83
CA HIS A 95 -29.03 26.64 -7.03
C HIS A 95 -29.47 25.93 -5.76
N LYS A 96 -30.77 25.97 -5.49
CA LYS A 96 -31.36 25.34 -4.30
C LYS A 96 -31.48 23.83 -4.49
N GLY A 97 -31.87 23.12 -3.42
CA GLY A 97 -32.04 21.67 -3.47
C GLY A 97 -33.30 21.23 -4.21
N THR A 98 -33.43 19.91 -4.40
CA THR A 98 -34.55 19.31 -5.15
C THR A 98 -35.60 18.63 -4.25
N LYS A 99 -35.26 18.43 -2.97
CA LYS A 99 -36.18 17.86 -1.99
C LYS A 99 -36.30 18.76 -0.76
N GLU A 100 -37.40 18.58 -0.03
CA GLU A 100 -37.64 19.35 1.20
C GLU A 100 -36.62 19.02 2.30
N ASP A 101 -36.08 17.80 2.27
CA ASP A 101 -35.06 17.35 3.21
C ASP A 101 -33.66 17.27 2.57
N SER A 102 -33.43 18.12 1.57
CA SER A 102 -32.21 18.05 0.78
C SER A 102 -31.83 19.45 0.28
N PRO A 103 -31.31 20.30 1.19
CA PRO A 103 -30.95 21.64 0.73
C PRO A 103 -29.62 21.61 -0.03
N THR A 104 -29.33 22.70 -0.74
CA THR A 104 -27.97 23.00 -1.15
C THR A 104 -27.33 23.69 0.04
N VAL A 105 -26.15 23.20 0.45
CA VAL A 105 -25.50 23.64 1.68
C VAL A 105 -24.08 24.14 1.42
N ILE A 106 -23.80 25.31 1.97
CA ILE A 106 -22.51 25.95 1.94
C ILE A 106 -22.19 26.35 3.39
N GLY A 107 -21.00 25.99 3.86
CA GLY A 107 -20.51 26.37 5.19
C GLY A 107 -19.92 27.76 5.28
N ASN A 108 -18.71 27.86 5.82
CA ASN A 108 -18.12 29.16 6.17
C ASN A 108 -16.89 29.51 5.34
N LYS A 109 -16.71 30.80 5.08
CA LYS A 109 -15.47 31.32 4.51
C LYS A 109 -15.10 30.74 3.13
N ASN A 110 -16.12 30.35 2.38
CA ASN A 110 -15.93 29.91 1.00
C ASN A 110 -15.90 31.09 0.05
N TYR A 111 -15.16 30.91 -1.05
CA TYR A 111 -15.00 31.95 -2.06
C TYR A 111 -15.48 31.44 -3.40
N PHE A 112 -16.50 32.07 -3.94
CA PHE A 112 -17.03 31.71 -5.24
C PHE A 112 -16.71 32.83 -6.24
N MET A 113 -15.74 32.58 -7.12
CA MET A 113 -15.30 33.63 -8.05
C MET A 113 -16.34 33.90 -9.13
N GLY A 114 -16.12 34.96 -9.90
CA GLY A 114 -17.06 35.41 -10.90
C GLY A 114 -17.59 34.30 -11.77
N ASN A 115 -18.90 34.27 -11.93
CA ASN A 115 -19.54 33.35 -12.84
C ASN A 115 -19.37 31.88 -12.50
N SER A 116 -19.08 31.58 -11.23
CA SER A 116 -19.00 30.19 -10.79
C SER A 116 -20.41 29.69 -10.47
N HIS A 117 -20.57 28.38 -10.47
CA HIS A 117 -21.89 27.77 -10.35
C HIS A 117 -21.87 26.59 -9.38
N VAL A 118 -22.86 26.56 -8.49
CA VAL A 118 -23.06 25.44 -7.56
C VAL A 118 -24.43 24.80 -7.85
N GLY A 119 -24.41 23.56 -8.33
CA GLY A 119 -25.61 22.83 -8.73
C GLY A 119 -26.46 22.40 -7.54
N HIS A 120 -27.68 21.97 -7.83
CA HIS A 120 -28.66 21.55 -6.81
C HIS A 120 -28.11 20.44 -5.94
N ASP A 121 -28.31 20.57 -4.63
CA ASP A 121 -27.97 19.49 -3.68
C ASP A 121 -26.46 19.27 -3.45
N CYS A 122 -25.62 20.20 -3.89
CA CYS A 122 -24.24 20.22 -3.47
C CYS A 122 -24.14 20.52 -1.98
N ILE A 123 -23.15 19.91 -1.34
CA ILE A 123 -22.76 20.19 0.05
C ILE A 123 -21.31 20.60 0.03
N LEU A 124 -21.02 21.80 0.52
CA LEU A 124 -19.66 22.30 0.65
C LEU A 124 -19.42 22.64 2.12
N GLY A 125 -18.23 22.32 2.62
CA GLY A 125 -17.84 22.68 3.97
C GLY A 125 -17.29 24.09 4.02
N ASN A 126 -16.11 24.24 4.61
CA ASN A 126 -15.55 25.55 4.88
C ASN A 126 -14.31 25.88 4.04
N ASN A 127 -14.13 27.16 3.72
CA ASN A 127 -12.86 27.63 3.18
C ASN A 127 -12.51 27.09 1.78
N ASN A 128 -13.52 26.61 1.06
CA ASN A 128 -13.32 26.13 -0.30
C ASN A 128 -13.26 27.32 -1.25
N ILE A 129 -12.61 27.12 -2.41
CA ILE A 129 -12.56 28.12 -3.47
C ILE A 129 -12.97 27.49 -4.80
N LEU A 130 -13.91 28.15 -5.51
CA LEU A 130 -14.18 27.84 -6.90
C LEU A 130 -13.73 29.04 -7.71
N THR A 131 -12.80 28.82 -8.63
CA THR A 131 -12.21 29.92 -9.39
C THR A 131 -13.17 30.41 -10.48
N HIS A 132 -12.69 31.32 -11.31
CA HIS A 132 -13.54 32.00 -12.26
C HIS A 132 -14.19 31.05 -13.24
N GLY A 133 -15.52 31.10 -13.35
CA GLY A 133 -16.26 30.22 -14.27
C GLY A 133 -16.32 28.76 -13.87
N ALA A 134 -15.89 28.44 -12.64
CA ALA A 134 -15.94 27.06 -12.14
C ALA A 134 -17.40 26.58 -11.98
N VAL A 135 -17.64 25.35 -12.40
CA VAL A 135 -18.97 24.74 -12.35
C VAL A 135 -18.91 23.47 -11.51
N LEU A 136 -19.77 23.40 -10.51
CA LEU A 136 -20.01 22.14 -9.80
C LEU A 136 -21.39 21.65 -10.16
N ALA A 137 -21.45 20.48 -10.77
CA ALA A 137 -22.70 19.78 -11.05
C ALA A 137 -23.47 19.46 -9.75
N GLY A 138 -24.76 19.17 -9.90
CA GLY A 138 -25.60 18.76 -8.77
C GLY A 138 -25.05 17.55 -8.01
N HIS A 139 -25.36 17.48 -6.72
CA HIS A 139 -24.96 16.36 -5.85
C HIS A 139 -23.45 16.16 -5.70
N VAL A 140 -22.68 17.23 -5.73
CA VAL A 140 -21.24 17.10 -5.51
C VAL A 140 -20.95 17.56 -4.09
N THR A 141 -20.07 16.84 -3.40
CA THR A 141 -19.71 17.15 -2.02
C THR A 141 -18.25 17.57 -1.90
N LEU A 142 -18.03 18.76 -1.35
CA LEU A 142 -16.69 19.23 -1.00
C LEU A 142 -16.54 19.24 0.50
N GLY A 143 -15.37 18.81 0.98
CA GLY A 143 -15.00 19.00 2.39
C GLY A 143 -14.61 20.44 2.68
N ASN A 144 -13.41 20.61 3.22
CA ASN A 144 -12.90 21.92 3.60
C ASN A 144 -11.60 22.20 2.87
N PHE A 145 -11.34 23.47 2.57
CA PHE A 145 -10.10 23.88 1.92
C PHE A 145 -9.83 23.20 0.58
N ALA A 146 -10.89 22.81 -0.11
CA ALA A 146 -10.76 22.23 -1.45
C ALA A 146 -10.66 23.36 -2.47
N PHE A 147 -10.04 23.08 -3.62
CA PHE A 147 -9.81 24.09 -4.65
C PHE A 147 -10.31 23.56 -6.00
N ILE A 148 -11.32 24.23 -6.55
CA ILE A 148 -11.90 23.83 -7.84
C ILE A 148 -11.57 24.85 -8.93
N SER A 149 -10.78 24.41 -9.89
CA SER A 149 -10.38 25.28 -11.01
C SER A 149 -11.51 25.41 -12.03
N GLY A 150 -11.43 26.45 -12.85
CA GLY A 150 -12.31 26.60 -14.01
C GLY A 150 -12.02 25.48 -15.00
N LEU A 151 -12.94 25.28 -15.94
CA LEU A 151 -12.82 24.21 -16.96
C LEU A 151 -12.73 22.80 -16.34
N VAL A 152 -13.47 22.61 -15.26
CA VAL A 152 -13.56 21.30 -14.61
C VAL A 152 -15.02 20.78 -14.62
N ALA A 153 -15.19 19.54 -15.06
CA ALA A 153 -16.45 18.83 -14.93
C ALA A 153 -16.31 17.78 -13.84
N VAL A 154 -17.17 17.87 -12.82
CA VAL A 154 -17.21 16.86 -11.77
C VAL A 154 -18.51 16.07 -11.89
N HIS A 155 -18.40 14.75 -11.90
CA HIS A 155 -19.55 13.87 -12.01
C HIS A 155 -20.42 14.00 -10.76
N GLN A 156 -21.73 14.00 -10.97
CA GLN A 156 -22.68 13.93 -9.86
C GLN A 156 -22.30 12.81 -8.87
N PHE A 157 -22.49 13.08 -7.58
CA PHE A 157 -22.25 12.14 -6.48
C PHE A 157 -20.78 11.88 -6.12
N CYS A 158 -19.88 12.70 -6.66
CA CYS A 158 -18.47 12.64 -6.31
C CYS A 158 -18.21 13.41 -5.01
N PHE A 159 -17.23 12.95 -4.24
CA PHE A 159 -16.78 13.68 -3.06
C PHE A 159 -15.39 14.20 -3.36
N VAL A 160 -15.13 15.41 -2.92
CA VAL A 160 -13.81 16.01 -2.98
C VAL A 160 -13.31 16.17 -1.55
N GLY A 161 -12.23 15.46 -1.22
CA GLY A 161 -11.66 15.49 0.13
C GLY A 161 -11.01 16.81 0.53
N ASP A 162 -10.80 16.99 1.84
CA ASP A 162 -10.14 18.17 2.40
C ASP A 162 -8.78 18.47 1.77
N TYR A 163 -8.52 19.76 1.58
CA TYR A 163 -7.25 20.28 1.05
C TYR A 163 -6.86 19.71 -0.33
N SER A 164 -7.85 19.25 -1.09
CA SER A 164 -7.54 18.74 -2.41
C SER A 164 -7.73 19.79 -3.50
N MET A 165 -7.13 19.55 -4.66
CA MET A 165 -7.17 20.46 -5.77
C MET A 165 -7.52 19.74 -7.08
N VAL A 166 -8.46 20.31 -7.81
CA VAL A 166 -8.73 19.86 -9.17
C VAL A 166 -8.27 20.94 -10.14
N ALA A 167 -7.24 20.62 -10.93
CA ALA A 167 -6.65 21.54 -11.89
C ALA A 167 -7.54 21.69 -13.13
N GLY A 168 -7.34 22.78 -13.88
CA GLY A 168 -8.15 23.12 -15.06
C GLY A 168 -8.07 22.11 -16.18
N LEU A 169 -9.15 22.00 -16.97
CA LEU A 169 -9.25 21.02 -18.07
C LEU A 169 -9.28 19.56 -17.60
N ALA A 170 -9.98 19.32 -16.49
CA ALA A 170 -10.08 17.99 -15.89
C ALA A 170 -11.53 17.49 -15.86
N LYS A 171 -11.68 16.19 -16.11
CA LYS A 171 -12.96 15.51 -15.96
C LYS A 171 -12.92 14.52 -14.80
N VAL A 172 -13.63 14.86 -13.73
CA VAL A 172 -13.64 14.09 -12.51
C VAL A 172 -14.82 13.10 -12.55
N VAL A 173 -14.53 11.80 -12.40
CA VAL A 173 -15.58 10.76 -12.45
C VAL A 173 -15.72 9.92 -11.16
N GLN A 174 -14.65 9.88 -10.38
CA GLN A 174 -14.64 9.20 -9.07
C GLN A 174 -14.16 10.19 -8.01
N ASP A 175 -14.11 9.79 -6.74
CA ASP A 175 -13.77 10.73 -5.67
C ASP A 175 -12.35 11.29 -5.76
N VAL A 176 -12.19 12.52 -5.31
CA VAL A 176 -10.89 13.17 -5.23
C VAL A 176 -10.38 13.05 -3.77
N PRO A 177 -9.32 12.26 -3.55
CA PRO A 177 -8.84 11.97 -2.20
C PRO A 177 -8.24 13.19 -1.52
N PRO A 178 -8.32 13.24 -0.17
CA PRO A 178 -7.84 14.44 0.52
C PRO A 178 -6.34 14.69 0.32
N TYR A 179 -5.94 15.95 0.50
CA TYR A 179 -4.54 16.40 0.41
C TYR A 179 -3.89 16.17 -0.95
N SER A 180 -4.71 15.93 -1.98
CA SER A 180 -4.22 15.49 -3.28
C SER A 180 -4.57 16.47 -4.41
N THR A 181 -3.87 16.32 -5.54
CA THR A 181 -4.10 17.13 -6.72
C THR A 181 -4.48 16.19 -7.85
N VAL A 182 -5.59 16.50 -8.51
CA VAL A 182 -6.11 15.71 -9.59
C VAL A 182 -6.07 16.54 -10.88
N ASP A 183 -5.70 15.90 -11.98
CA ASP A 183 -5.50 16.59 -13.23
C ASP A 183 -5.82 15.71 -14.44
N GLY A 184 -6.14 16.34 -15.55
CA GLY A 184 -6.27 15.64 -16.83
C GLY A 184 -7.64 15.08 -17.16
N ASN A 185 -7.76 14.58 -18.38
CA ASN A 185 -8.96 13.93 -18.87
C ASN A 185 -8.55 12.74 -19.72
N PRO A 186 -8.83 11.51 -19.25
CA PRO A 186 -9.48 11.22 -17.95
C PRO A 186 -8.55 11.54 -16.78
N SER A 187 -9.12 11.93 -15.65
CA SER A 187 -8.31 12.51 -14.58
C SER A 187 -7.67 11.45 -13.71
N THR A 188 -6.55 11.82 -13.09
CA THR A 188 -5.84 10.98 -12.16
C THR A 188 -5.30 11.82 -11.03
N VAL A 189 -5.01 11.19 -9.89
CA VAL A 189 -4.21 11.86 -8.86
C VAL A 189 -2.77 11.96 -9.39
N VAL A 190 -2.26 13.19 -9.45
CA VAL A 190 -0.94 13.42 -10.02
C VAL A 190 0.12 13.68 -8.94
N GLY A 191 -0.34 13.91 -7.72
CA GLY A 191 0.55 14.23 -6.61
C GLY A 191 -0.23 14.81 -5.47
N LEU A 192 0.51 15.31 -4.49
CA LEU A 192 -0.08 15.91 -3.31
C LEU A 192 -0.23 17.42 -3.46
N ASN A 193 -1.26 17.96 -2.82
CA ASN A 193 -1.42 19.40 -2.73
C ASN A 193 -0.49 19.98 -1.66
N SER A 194 0.79 20.05 -2.00
CA SER A 194 1.84 20.53 -1.07
C SER A 194 1.70 22.00 -0.70
N VAL A 195 1.25 22.82 -1.65
CA VAL A 195 1.02 24.25 -1.42
C VAL A 195 -0.12 24.49 -0.42
N GLY A 196 -1.28 23.88 -0.69
CA GLY A 196 -2.40 23.91 0.24
C GLY A 196 -2.02 23.45 1.65
N MET A 197 -1.21 22.39 1.71
CA MET A 197 -0.73 21.84 2.99
C MET A 197 0.27 22.74 3.72
N LYS A 198 1.23 23.29 2.97
CA LYS A 198 2.17 24.26 3.56
C LYS A 198 1.45 25.54 3.99
N ARG A 199 0.63 26.09 3.10
CA ARG A 199 -0.18 27.28 3.38
C ARG A 199 -1.05 27.08 4.63
N ALA A 200 -1.51 25.85 4.83
CA ALA A 200 -2.32 25.50 5.98
C ALA A 200 -1.53 25.32 7.29
N GLY A 201 -0.20 25.33 7.20
CA GLY A 201 0.64 25.15 8.38
C GLY A 201 0.85 23.71 8.83
N PHE A 202 0.69 22.76 7.91
CA PHE A 202 0.97 21.35 8.19
C PHE A 202 2.46 21.24 8.46
N SER A 203 2.81 20.51 9.51
CA SER A 203 4.21 20.30 9.86
C SER A 203 4.85 19.36 8.84
N PRO A 204 6.18 19.45 8.65
CA PRO A 204 6.90 18.49 7.81
C PRO A 204 6.58 17.03 8.16
N GLU A 205 6.46 16.72 9.46
CA GLU A 205 6.10 15.37 9.90
C GLU A 205 4.72 14.94 9.42
N VAL A 206 3.74 15.84 9.54
CA VAL A 206 2.36 15.60 9.08
C VAL A 206 2.30 15.42 7.55
N ARG A 207 3.02 16.26 6.82
CA ARG A 207 3.05 16.15 5.37
C ARG A 207 3.74 14.87 4.91
N ASN A 208 4.81 14.49 5.61
CA ASN A 208 5.50 13.24 5.27
C ASN A 208 4.67 12.00 5.63
N ALA A 209 3.87 12.09 6.69
CA ALA A 209 2.96 11.00 7.07
C ALA A 209 1.84 10.84 6.02
N ILE A 210 1.35 11.96 5.51
CA ILE A 210 0.40 11.92 4.39
C ILE A 210 1.03 11.31 3.12
N LYS A 211 2.24 11.75 2.77
CA LYS A 211 2.97 11.18 1.64
C LYS A 211 3.19 9.67 1.80
N HIS A 212 3.55 9.25 3.01
CA HIS A 212 3.71 7.82 3.30
C HIS A 212 2.40 7.02 3.16
N ALA A 213 1.28 7.57 3.63
CA ALA A 213 -0.01 6.86 3.43
C ALA A 213 -0.30 6.59 1.94
N TYR A 214 -0.09 7.59 1.09
CA TYR A 214 -0.35 7.45 -0.34
C TYR A 214 0.68 6.59 -1.09
N LYS A 215 1.90 6.51 -0.56
CA LYS A 215 2.91 5.61 -1.12
C LYS A 215 2.44 4.16 -1.01
N VAL A 216 1.91 3.80 0.17
CA VAL A 216 1.34 2.47 0.39
C VAL A 216 0.14 2.22 -0.54
N ILE A 217 -0.78 3.19 -0.59
CA ILE A 217 -2.03 3.07 -1.36
C ILE A 217 -1.79 3.03 -2.87
N TYR A 218 -0.93 3.91 -3.36
CA TYR A 218 -0.73 4.08 -4.79
C TYR A 218 0.57 3.48 -5.37
N HIS A 219 1.67 3.54 -4.61
CA HIS A 219 2.99 3.23 -5.18
C HIS A 219 3.70 2.00 -4.62
N SER A 220 2.93 0.97 -4.26
CA SER A 220 3.47 -0.24 -3.64
C SER A 220 3.09 -1.55 -4.36
N GLY A 221 2.56 -1.42 -5.58
CA GLY A 221 2.23 -2.58 -6.41
C GLY A 221 1.19 -3.53 -5.84
N ILE A 222 0.30 -3.00 -4.99
CA ILE A 222 -0.79 -3.79 -4.43
C ILE A 222 -2.14 -3.10 -4.65
N SER A 223 -3.22 -3.88 -4.50
CA SER A 223 -4.57 -3.37 -4.62
C SER A 223 -4.86 -2.37 -3.51
N THR A 224 -5.87 -1.53 -3.73
CA THR A 224 -6.27 -0.51 -2.77
C THR A 224 -6.70 -1.15 -1.46
N ARG A 225 -7.47 -2.23 -1.54
CA ARG A 225 -7.94 -2.95 -0.37
C ARG A 225 -6.76 -3.49 0.45
N LYS A 226 -5.83 -4.16 -0.23
CA LYS A 226 -4.59 -4.64 0.41
C LYS A 226 -3.81 -3.52 1.13
N ALA A 227 -3.72 -2.36 0.47
CA ALA A 227 -2.93 -1.22 0.96
C ALA A 227 -3.53 -0.59 2.22
N LEU A 228 -4.84 -0.43 2.23
CA LEU A 228 -5.55 0.14 3.39
C LEU A 228 -5.37 -0.78 4.59
N ASP A 229 -5.49 -2.09 4.36
CA ASP A 229 -5.22 -3.11 5.37
C ASP A 229 -3.81 -2.96 5.94
N GLU A 230 -2.81 -2.90 5.05
CA GLU A 230 -1.42 -2.70 5.47
C GLU A 230 -1.27 -1.48 6.38
N LEU A 231 -1.86 -0.36 5.97
CA LEU A 231 -1.79 0.87 6.77
C LEU A 231 -2.37 0.75 8.18
N GLU A 232 -3.57 0.17 8.28
CA GLU A 232 -4.23 -0.03 9.57
C GLU A 232 -3.47 -1.01 10.48
N ALA A 233 -2.85 -2.02 9.88
CA ALA A 233 -2.05 -3.01 10.60
C ALA A 233 -0.67 -2.50 11.04
N SER A 234 -0.33 -1.27 10.65
CA SER A 234 1.01 -0.71 10.90
C SER A 234 1.12 0.08 12.22
N GLY A 235 0.04 0.14 12.98
CA GLY A 235 0.07 0.81 14.29
C GLY A 235 -0.74 2.08 14.37
N ASN A 236 -0.39 2.92 15.35
CA ASN A 236 -1.09 4.16 15.64
C ASN A 236 -0.86 5.22 14.57
N LEU A 237 -1.95 5.64 13.93
CA LEU A 237 -1.89 6.62 12.84
C LEU A 237 -2.40 7.99 13.29
N ILE A 238 -1.90 9.06 12.67
CA ILE A 238 -2.41 10.42 12.92
C ILE A 238 -3.81 10.57 12.31
N GLU A 239 -4.55 11.59 12.76
CA GLU A 239 -5.93 11.82 12.29
C GLU A 239 -6.02 11.99 10.77
N GLN A 240 -5.09 12.75 10.20
CA GLN A 240 -5.07 13.04 8.75
C GLN A 240 -5.06 11.73 7.96
N VAL A 241 -4.27 10.76 8.44
CA VAL A 241 -4.13 9.45 7.80
C VAL A 241 -5.33 8.53 8.04
N LYS A 242 -5.87 8.55 9.27
CA LYS A 242 -7.13 7.86 9.59
C LYS A 242 -8.21 8.34 8.62
N TYR A 243 -8.27 9.65 8.42
CA TYR A 243 -9.20 10.29 7.48
C TYR A 243 -9.01 9.78 6.04
N ILE A 244 -7.76 9.74 5.57
CA ILE A 244 -7.45 9.15 4.27
C ILE A 244 -8.04 7.74 4.14
N ILE A 245 -7.77 6.88 5.14
CA ILE A 245 -8.25 5.50 5.12
C ILE A 245 -9.78 5.46 5.07
N LYS A 246 -10.41 6.26 5.94
CA LYS A 246 -11.87 6.31 6.03
C LYS A 246 -12.53 6.81 4.73
N PHE A 247 -11.93 7.85 4.13
CA PHE A 247 -12.36 8.40 2.83
C PHE A 247 -12.38 7.29 1.76
N PHE A 248 -11.31 6.50 1.69
CA PHE A 248 -11.26 5.38 0.76
C PHE A 248 -12.31 4.31 1.09
N ARG A 249 -12.42 3.94 2.38
CA ARG A 249 -13.41 2.96 2.85
C ARG A 249 -14.87 3.40 2.56
N ASP A 250 -15.18 4.67 2.84
CA ASP A 250 -16.54 5.20 2.70
C ASP A 250 -16.94 5.59 1.28
N SER A 251 -16.02 5.48 0.32
CA SER A 251 -16.28 5.95 -1.04
C SER A 251 -17.45 5.22 -1.71
N ASP A 252 -18.42 5.99 -2.20
CA ASP A 252 -19.54 5.44 -2.94
C ASP A 252 -19.10 5.03 -4.35
N ARG A 253 -18.54 5.99 -5.09
CA ARG A 253 -18.19 5.78 -6.49
C ARG A 253 -16.83 5.12 -6.67
N GLY A 254 -16.04 5.07 -5.60
CA GLY A 254 -14.66 4.63 -5.71
C GLY A 254 -13.81 5.89 -5.84
N VAL A 255 -12.51 5.73 -5.67
CA VAL A 255 -11.60 6.87 -5.61
C VAL A 255 -10.73 6.91 -6.86
N THR A 256 -10.53 8.11 -7.40
CA THR A 256 -9.67 8.32 -8.58
C THR A 256 -8.30 7.65 -8.42
N ASN A 257 -7.87 6.94 -9.47
CA ASN A 257 -6.56 6.30 -9.54
C ASN A 257 -5.40 7.29 -9.72
N HIS A 258 -4.18 6.82 -9.48
CA HIS A 258 -2.96 7.62 -9.57
C HIS A 258 -2.29 7.49 -10.93
N ARG A 259 -1.72 8.59 -11.41
CA ARG A 259 -0.98 8.60 -12.67
C ARG A 259 0.26 7.71 -12.60
N MET B 1 11.29 -39.39 -36.65
CA MET B 1 12.47 -40.25 -36.27
C MET B 1 13.66 -40.01 -37.18
N LYS B 2 14.12 -38.76 -37.25
CA LYS B 2 15.29 -38.38 -38.05
C LYS B 2 16.03 -37.18 -37.45
N ILE B 3 17.30 -37.41 -37.12
CA ILE B 3 18.17 -36.39 -36.55
C ILE B 3 19.33 -36.10 -37.51
N HIS B 4 19.55 -34.83 -37.82
CA HIS B 4 20.61 -34.41 -38.74
C HIS B 4 22.02 -34.64 -38.17
N PRO B 5 22.95 -35.16 -39.01
CA PRO B 5 24.35 -35.40 -38.63
C PRO B 5 24.99 -34.23 -37.90
N THR B 6 24.63 -33.00 -38.30
CA THR B 6 25.25 -31.79 -37.77
C THR B 6 24.62 -31.27 -36.48
N ALA B 7 23.54 -31.91 -36.04
CA ALA B 7 22.91 -31.57 -34.75
C ALA B 7 23.75 -32.08 -33.58
N ILE B 8 23.95 -31.22 -32.58
CA ILE B 8 24.72 -31.57 -31.39
C ILE B 8 23.77 -31.83 -30.22
N ILE B 9 23.68 -33.10 -29.82
CA ILE B 9 22.77 -33.52 -28.76
C ILE B 9 23.56 -34.19 -27.64
N ASP B 10 23.39 -33.71 -26.42
CA ASP B 10 24.03 -34.30 -25.26
C ASP B 10 23.56 -35.75 -25.10
N PRO B 11 24.50 -36.69 -24.84
CA PRO B 11 24.15 -38.10 -24.62
C PRO B 11 23.06 -38.30 -23.56
N LYS B 12 23.00 -37.39 -22.59
CA LYS B 12 22.08 -37.49 -21.45
C LYS B 12 20.64 -37.04 -21.77
N ALA B 13 20.48 -36.22 -22.81
CA ALA B 13 19.16 -35.77 -23.25
C ALA B 13 18.28 -36.96 -23.65
N GLU B 14 17.03 -36.94 -23.15
CA GLU B 14 16.06 -38.01 -23.38
C GLU B 14 15.03 -37.62 -24.42
N LEU B 15 15.17 -38.17 -25.62
CA LEU B 15 14.26 -37.84 -26.72
C LEU B 15 13.55 -39.10 -27.20
N HIS B 16 12.22 -39.02 -27.29
CA HIS B 16 11.41 -40.10 -27.85
C HIS B 16 11.94 -40.40 -29.25
N GLU B 17 11.84 -41.66 -29.68
CA GLU B 17 12.44 -42.08 -30.96
C GLU B 17 11.95 -41.29 -32.18
N SER B 18 10.71 -40.80 -32.11
CA SER B 18 10.08 -40.09 -33.22
C SER B 18 10.52 -38.63 -33.35
N VAL B 19 11.20 -38.11 -32.33
CA VAL B 19 11.62 -36.71 -32.30
C VAL B 19 12.58 -36.38 -33.44
N GLU B 20 12.28 -35.31 -34.15
CA GLU B 20 13.11 -34.85 -35.25
C GLU B 20 13.87 -33.59 -34.89
N VAL B 21 15.17 -33.60 -35.19
CA VAL B 21 16.07 -32.48 -34.92
C VAL B 21 16.79 -32.11 -36.21
N GLY B 22 16.65 -30.85 -36.63
CA GLY B 22 17.26 -30.37 -37.87
C GLY B 22 18.72 -29.97 -37.78
N PRO B 23 19.27 -29.44 -38.89
CA PRO B 23 20.68 -29.09 -39.00
C PRO B 23 21.15 -28.00 -38.05
N TYR B 24 22.30 -28.26 -37.42
CA TYR B 24 23.02 -27.27 -36.59
C TYR B 24 22.25 -26.87 -35.32
N SER B 25 21.30 -27.70 -34.93
CA SER B 25 20.60 -27.52 -33.65
C SER B 25 21.41 -28.12 -32.50
N ILE B 26 21.24 -27.53 -31.32
CA ILE B 26 22.00 -27.91 -30.12
C ILE B 26 21.01 -28.27 -28.99
N ILE B 27 21.17 -29.46 -28.43
CA ILE B 27 20.35 -29.91 -27.32
C ILE B 27 21.26 -30.31 -26.17
N GLU B 28 21.03 -29.70 -25.01
CA GLU B 28 21.90 -29.90 -23.85
C GLU B 28 21.45 -31.11 -23.01
N GLY B 29 22.12 -31.35 -21.89
CA GLY B 29 21.71 -32.40 -20.96
C GLY B 29 20.57 -31.90 -20.09
N ASN B 30 20.01 -32.79 -19.28
CA ASN B 30 18.85 -32.46 -18.43
C ASN B 30 17.65 -31.98 -19.26
N VAL B 31 17.47 -32.60 -20.42
CA VAL B 31 16.40 -32.28 -21.35
C VAL B 31 15.61 -33.54 -21.71
N SER B 32 14.29 -33.46 -21.58
CA SER B 32 13.41 -34.51 -22.08
C SER B 32 12.46 -33.95 -23.14
N ILE B 33 12.35 -34.68 -24.25
CA ILE B 33 11.50 -34.29 -25.38
C ILE B 33 10.64 -35.49 -25.78
N GLN B 34 9.32 -35.32 -25.68
CA GLN B 34 8.36 -36.40 -25.87
C GLN B 34 7.91 -36.57 -27.33
N GLU B 35 7.00 -37.51 -27.56
CA GLU B 35 6.61 -37.99 -28.90
C GLU B 35 6.21 -36.92 -29.91
N GLY B 36 6.73 -37.04 -31.13
CA GLY B 36 6.23 -36.26 -32.26
C GLY B 36 6.74 -34.82 -32.38
N THR B 37 7.59 -34.43 -31.44
CA THR B 37 8.12 -33.07 -31.42
C THR B 37 9.12 -32.91 -32.57
N ILE B 38 8.99 -31.80 -33.30
CA ILE B 38 9.89 -31.48 -34.40
C ILE B 38 10.66 -30.20 -34.09
N ILE B 39 11.96 -30.26 -34.32
CA ILE B 39 12.87 -29.16 -34.11
C ILE B 39 13.53 -28.93 -35.46
N GLU B 40 13.53 -27.69 -35.92
CA GLU B 40 14.16 -27.32 -37.20
C GLU B 40 15.65 -27.04 -37.02
N GLY B 41 16.21 -26.16 -37.86
CA GLY B 41 17.64 -25.85 -37.77
C GLY B 41 17.98 -24.70 -36.84
N HIS B 42 19.20 -24.73 -36.29
CA HIS B 42 19.77 -23.63 -35.49
C HIS B 42 19.05 -23.34 -34.16
N VAL B 43 18.27 -24.32 -33.71
CA VAL B 43 17.55 -24.26 -32.44
C VAL B 43 18.45 -24.67 -31.28
N LYS B 44 18.21 -24.08 -30.11
CA LYS B 44 18.90 -24.47 -28.89
C LYS B 44 17.88 -24.83 -27.82
N ILE B 45 18.00 -26.05 -27.30
CA ILE B 45 17.21 -26.50 -26.15
C ILE B 45 18.19 -26.62 -24.98
N CYS B 46 18.00 -25.75 -24.00
CA CYS B 46 18.90 -25.65 -22.84
C CYS B 46 18.53 -26.61 -21.71
N ALA B 47 19.53 -26.93 -20.88
CA ALA B 47 19.34 -27.75 -19.69
C ALA B 47 18.13 -27.31 -18.84
N GLY B 48 17.33 -28.28 -18.43
CA GLY B 48 16.12 -28.02 -17.66
C GLY B 48 14.84 -28.07 -18.48
N SER B 49 14.97 -28.14 -19.81
CA SER B 49 13.80 -28.13 -20.69
C SER B 49 13.09 -29.47 -20.70
N GLU B 50 11.82 -29.44 -20.34
CA GLU B 50 10.96 -30.63 -20.32
C GLU B 50 9.79 -30.40 -21.26
N ILE B 51 9.90 -31.01 -22.44
CA ILE B 51 9.04 -30.72 -23.56
C ILE B 51 8.14 -31.91 -23.90
N GLY B 52 6.85 -31.63 -24.06
CA GLY B 52 5.86 -32.65 -24.35
C GLY B 52 5.76 -33.04 -25.82
N LYS B 53 4.54 -33.35 -26.23
CA LYS B 53 4.31 -34.04 -27.49
C LYS B 53 3.90 -33.11 -28.62
N PHE B 54 4.41 -33.41 -29.81
CA PHE B 54 4.01 -32.75 -31.05
C PHE B 54 4.12 -31.22 -31.01
N ASN B 55 5.16 -30.75 -30.35
CA ASN B 55 5.54 -29.34 -30.39
C ASN B 55 6.40 -29.09 -31.62
N ARG B 56 6.43 -27.85 -32.10
CA ARG B 56 7.32 -27.49 -33.20
C ARG B 56 8.16 -26.29 -32.87
N PHE B 57 9.46 -26.41 -33.13
CA PHE B 57 10.42 -25.35 -32.87
C PHE B 57 11.07 -24.97 -34.19
N HIS B 58 10.70 -23.81 -34.72
CA HIS B 58 11.22 -23.31 -35.99
C HIS B 58 12.63 -22.74 -35.82
N GLN B 59 13.28 -22.46 -36.96
CA GLN B 59 14.68 -22.02 -37.00
C GLN B 59 15.07 -20.91 -36.02
N GLY B 60 16.13 -21.15 -35.26
CA GLY B 60 16.69 -20.13 -34.36
C GLY B 60 15.98 -19.94 -33.03
N ALA B 61 14.93 -20.73 -32.78
CA ALA B 61 14.21 -20.63 -31.52
C ALA B 61 15.13 -21.11 -30.40
N VAL B 62 15.09 -20.40 -29.28
CA VAL B 62 15.91 -20.75 -28.12
C VAL B 62 15.01 -20.98 -26.90
N ILE B 63 15.21 -22.11 -26.24
CA ILE B 63 14.30 -22.59 -25.21
C ILE B 63 15.08 -22.84 -23.93
N GLY B 64 14.57 -22.31 -22.83
CA GLY B 64 15.17 -22.51 -21.52
C GLY B 64 16.45 -21.74 -21.30
N VAL B 65 16.64 -20.65 -22.05
CA VAL B 65 17.84 -19.80 -21.90
C VAL B 65 17.83 -19.08 -20.55
N MET B 66 19.00 -18.62 -20.12
CA MET B 66 19.16 -18.02 -18.80
C MET B 66 18.18 -16.88 -18.58
N PRO B 67 17.63 -16.75 -17.35
CA PRO B 67 16.83 -15.57 -17.03
C PRO B 67 17.59 -14.28 -17.22
N GLN B 68 16.87 -13.23 -17.58
CA GLN B 68 17.46 -11.91 -17.74
C GLN B 68 17.23 -11.13 -16.43
N ASP B 69 17.20 -11.91 -15.36
CA ASP B 69 17.23 -11.44 -13.99
C ASP B 69 18.71 -11.37 -13.61
N LEU B 70 19.18 -10.17 -13.25
CA LEU B 70 20.60 -9.99 -12.93
C LEU B 70 20.99 -10.56 -11.57
N GLY B 71 19.98 -10.88 -10.75
CA GLY B 71 20.22 -11.47 -9.44
C GLY B 71 19.99 -12.97 -9.42
N PHE B 72 20.05 -13.60 -10.59
CA PHE B 72 19.83 -15.04 -10.70
C PHE B 72 21.09 -15.87 -10.48
N ASN B 73 20.96 -16.92 -9.66
CA ASN B 73 22.03 -17.89 -9.45
C ASN B 73 22.11 -18.86 -10.63
N GLN B 74 23.06 -18.59 -11.53
CA GLN B 74 23.25 -19.37 -12.75
C GLN B 74 23.69 -20.84 -12.53
N GLN B 75 24.00 -21.19 -11.28
CA GLN B 75 24.41 -22.55 -10.95
C GLN B 75 23.23 -23.49 -10.71
N LEU B 76 22.05 -22.92 -10.49
CA LEU B 76 20.81 -23.68 -10.26
C LEU B 76 20.32 -24.37 -11.53
N LEU B 77 19.80 -25.59 -11.36
CA LEU B 77 19.13 -26.29 -12.44
C LEU B 77 17.65 -25.97 -12.36
N THR B 78 17.28 -24.87 -13.02
CA THR B 78 15.89 -24.43 -13.07
C THR B 78 15.27 -24.92 -14.39
N LYS B 79 13.95 -24.87 -14.48
CA LYS B 79 13.25 -25.59 -15.53
C LYS B 79 12.40 -24.73 -16.46
N THR B 80 12.22 -25.24 -17.67
CA THR B 80 11.28 -24.72 -18.64
C THR B 80 10.35 -25.88 -19.00
N VAL B 81 9.10 -25.76 -18.58
CA VAL B 81 8.12 -26.84 -18.74
C VAL B 81 7.13 -26.51 -19.85
N ILE B 82 7.15 -27.31 -20.91
CA ILE B 82 6.32 -27.12 -22.08
C ILE B 82 5.42 -28.33 -22.34
N GLY B 83 4.13 -28.07 -22.54
CA GLY B 83 3.15 -29.12 -22.82
C GLY B 83 3.14 -29.59 -24.26
N ASP B 84 1.94 -29.80 -24.82
CA ASP B 84 1.78 -30.41 -26.14
C ASP B 84 1.30 -29.45 -27.22
N HIS B 85 1.63 -29.76 -28.46
CA HIS B 85 1.08 -29.07 -29.63
C HIS B 85 1.29 -27.54 -29.69
N ASN B 86 2.43 -27.10 -29.18
CA ASN B 86 2.81 -25.70 -29.22
C ASN B 86 3.68 -25.41 -30.43
N ILE B 87 3.63 -24.17 -30.92
CA ILE B 87 4.43 -23.76 -32.06
C ILE B 87 5.26 -22.56 -31.65
N PHE B 88 6.56 -22.64 -31.87
CA PHE B 88 7.44 -21.60 -31.34
C PHE B 88 7.88 -20.50 -32.30
N ARG B 89 8.11 -20.82 -33.56
CA ARG B 89 8.45 -19.80 -34.58
C ARG B 89 9.84 -19.20 -34.45
N GLU B 90 10.34 -18.77 -35.59
CA GLU B 90 11.71 -18.35 -35.81
C GLU B 90 12.17 -17.28 -34.82
N TYR B 91 13.26 -17.60 -34.11
CA TYR B 91 13.93 -16.68 -33.19
C TYR B 91 13.12 -16.31 -31.96
N SER B 92 12.05 -17.09 -31.71
CA SER B 92 11.32 -16.95 -30.46
C SER B 92 12.23 -17.45 -29.33
N ASN B 93 11.99 -16.94 -28.13
CA ASN B 93 12.87 -17.20 -27.02
C ASN B 93 12.12 -17.33 -25.72
N ILE B 94 12.27 -18.50 -25.11
CA ILE B 94 11.61 -18.84 -23.87
C ILE B 94 12.70 -19.01 -22.82
N HIS B 95 12.61 -18.19 -21.77
CA HIS B 95 13.58 -18.20 -20.68
C HIS B 95 13.13 -19.09 -19.53
N LYS B 96 14.09 -19.76 -18.89
CA LYS B 96 13.78 -20.67 -17.78
C LYS B 96 13.49 -19.93 -16.48
N GLY B 97 13.02 -20.67 -15.46
CA GLY B 97 12.74 -20.12 -14.13
C GLY B 97 13.94 -19.64 -13.33
N THR B 98 13.67 -19.00 -12.19
CA THR B 98 14.72 -18.42 -11.34
C THR B 98 14.92 -19.14 -9.98
N LYS B 99 14.01 -20.05 -9.65
CA LYS B 99 14.13 -20.88 -8.45
C LYS B 99 13.88 -22.31 -8.83
N GLU B 100 14.45 -23.26 -8.09
CA GLU B 100 14.33 -24.67 -8.44
C GLU B 100 12.87 -25.16 -8.39
N ASP B 101 12.07 -24.51 -7.55
CA ASP B 101 10.65 -24.84 -7.40
C ASP B 101 9.74 -23.84 -8.13
N SER B 102 10.32 -23.05 -9.01
CA SER B 102 9.60 -22.02 -9.78
C SER B 102 10.01 -22.07 -11.25
N PRO B 103 9.43 -23.01 -12.02
CA PRO B 103 9.75 -23.08 -13.45
C PRO B 103 9.03 -22.01 -14.30
N THR B 104 9.45 -21.88 -15.55
CA THR B 104 8.65 -21.21 -16.57
C THR B 104 7.75 -22.31 -17.14
N VAL B 105 6.44 -22.04 -17.17
CA VAL B 105 5.44 -23.06 -17.51
C VAL B 105 4.60 -22.64 -18.72
N ILE B 106 4.59 -23.50 -19.73
CA ILE B 106 3.75 -23.33 -20.92
C ILE B 106 2.90 -24.59 -21.11
N GLY B 107 1.60 -24.41 -21.27
CA GLY B 107 0.66 -25.51 -21.47
C GLY B 107 0.59 -26.08 -22.87
N ASN B 108 -0.63 -26.18 -23.41
CA ASN B 108 -0.88 -26.85 -24.68
C ASN B 108 -1.38 -25.90 -25.75
N LYS B 109 -1.03 -26.18 -27.00
CA LYS B 109 -1.64 -25.52 -28.18
C LYS B 109 -1.47 -23.98 -28.17
N ASN B 110 -0.35 -23.53 -27.62
CA ASN B 110 0.01 -22.12 -27.66
C ASN B 110 0.78 -21.82 -28.94
N TYR B 111 0.62 -20.60 -29.45
CA TYR B 111 1.33 -20.16 -30.65
C TYR B 111 2.21 -18.94 -30.34
N PHE B 112 3.50 -19.10 -30.53
CA PHE B 112 4.45 -18.03 -30.27
C PHE B 112 5.04 -17.58 -31.59
N MET B 113 4.58 -16.44 -32.09
CA MET B 113 4.99 -15.95 -33.41
C MET B 113 6.45 -15.51 -33.41
N GLY B 114 6.96 -15.18 -34.60
CA GLY B 114 8.38 -14.90 -34.81
C GLY B 114 8.91 -13.87 -33.83
N ASN B 115 10.03 -14.22 -33.20
CA ASN B 115 10.76 -13.29 -32.35
C ASN B 115 10.03 -12.91 -31.07
N SER B 116 8.97 -13.64 -30.73
CA SER B 116 8.25 -13.42 -29.47
C SER B 116 9.12 -13.90 -28.30
N HIS B 117 8.83 -13.37 -27.10
CA HIS B 117 9.64 -13.61 -25.91
C HIS B 117 8.78 -13.91 -24.68
N VAL B 118 9.12 -14.99 -23.98
CA VAL B 118 8.49 -15.31 -22.70
C VAL B 118 9.56 -15.25 -21.61
N GLY B 119 9.39 -14.32 -20.68
CA GLY B 119 10.34 -14.10 -19.58
C GLY B 119 10.32 -15.16 -18.49
N HIS B 120 11.37 -15.15 -17.67
CA HIS B 120 11.55 -16.09 -16.56
C HIS B 120 10.35 -16.15 -15.62
N ASP B 121 9.97 -17.37 -15.24
CA ASP B 121 8.89 -17.61 -14.25
C ASP B 121 7.48 -17.27 -14.73
N CYS B 122 7.31 -17.06 -16.03
CA CYS B 122 5.98 -16.86 -16.59
C CYS B 122 5.20 -18.18 -16.53
N ILE B 123 3.88 -18.08 -16.38
CA ILE B 123 2.98 -19.24 -16.38
C ILE B 123 1.91 -18.99 -17.44
N LEU B 124 1.88 -19.83 -18.47
CA LEU B 124 0.89 -19.75 -19.53
C LEU B 124 0.07 -21.03 -19.54
N GLY B 125 -1.23 -20.88 -19.81
CA GLY B 125 -2.13 -22.01 -19.93
C GLY B 125 -2.15 -22.57 -21.32
N ASN B 126 -3.35 -22.68 -21.89
CA ASN B 126 -3.58 -23.32 -23.18
C ASN B 126 -4.07 -22.32 -24.20
N ASN B 127 -3.74 -22.56 -25.47
CA ASN B 127 -4.36 -21.90 -26.61
C ASN B 127 -4.15 -20.38 -26.66
N ASN B 128 -3.02 -19.94 -26.10
CA ASN B 128 -2.67 -18.53 -26.07
C ASN B 128 -1.87 -18.15 -27.31
N ILE B 129 -1.99 -16.91 -27.74
CA ILE B 129 -1.23 -16.41 -28.88
C ILE B 129 -0.40 -15.17 -28.48
N LEU B 130 0.89 -15.23 -28.75
CA LEU B 130 1.77 -14.07 -28.77
C LEU B 130 2.06 -13.78 -30.22
N THR B 131 1.73 -12.56 -30.66
CA THR B 131 1.93 -12.20 -32.07
C THR B 131 3.40 -11.81 -32.32
N HIS B 132 3.70 -11.27 -33.50
CA HIS B 132 5.09 -11.09 -33.90
C HIS B 132 5.82 -10.10 -33.01
N GLY B 133 6.94 -10.56 -32.44
CA GLY B 133 7.79 -9.73 -31.58
C GLY B 133 7.17 -9.36 -30.25
N ALA B 134 6.11 -10.06 -29.86
CA ALA B 134 5.45 -9.84 -28.57
C ALA B 134 6.38 -10.23 -27.42
N VAL B 135 6.35 -9.43 -26.35
CA VAL B 135 7.23 -9.62 -25.21
C VAL B 135 6.39 -9.78 -23.94
N LEU B 136 6.56 -10.91 -23.25
CA LEU B 136 6.07 -11.02 -21.88
C LEU B 136 7.22 -10.91 -20.89
N ALA B 137 7.16 -9.91 -20.02
CA ALA B 137 8.12 -9.77 -18.92
C ALA B 137 8.06 -11.00 -18.00
N GLY B 138 9.04 -11.16 -17.12
CA GLY B 138 9.06 -12.27 -16.17
C GLY B 138 7.89 -12.23 -15.20
N HIS B 139 7.53 -13.38 -14.62
CA HIS B 139 6.43 -13.48 -13.66
C HIS B 139 5.06 -12.96 -14.19
N VAL B 140 4.81 -13.10 -15.50
CA VAL B 140 3.48 -12.76 -16.05
C VAL B 140 2.67 -14.05 -16.20
N THR B 141 1.41 -14.02 -15.78
CA THR B 141 0.54 -15.20 -15.83
C THR B 141 -0.62 -14.99 -16.82
N LEU B 142 -0.68 -15.87 -17.83
CA LEU B 142 -1.81 -15.95 -18.76
C LEU B 142 -2.66 -17.16 -18.46
N GLY B 143 -3.98 -17.02 -18.61
CA GLY B 143 -4.89 -18.15 -18.50
C GLY B 143 -4.96 -18.91 -19.81
N ASN B 144 -6.17 -19.11 -20.30
CA ASN B 144 -6.40 -19.79 -21.58
C ASN B 144 -6.96 -18.85 -22.64
N PHE B 145 -6.57 -19.10 -23.88
CA PHE B 145 -7.09 -18.35 -25.03
C PHE B 145 -6.83 -16.84 -24.97
N ALA B 146 -5.73 -16.44 -24.33
CA ALA B 146 -5.33 -15.04 -24.31
C ALA B 146 -4.58 -14.68 -25.61
N PHE B 147 -4.66 -13.41 -25.98
CA PHE B 147 -4.05 -12.90 -27.19
C PHE B 147 -3.19 -11.70 -26.79
N ILE B 148 -1.88 -11.83 -27.04
CA ILE B 148 -0.94 -10.79 -26.65
C ILE B 148 -0.30 -10.21 -27.91
N SER B 149 -0.70 -8.99 -28.27
CA SER B 149 -0.13 -8.29 -29.43
C SER B 149 1.33 -7.93 -29.23
N GLY B 150 2.02 -7.65 -30.34
CA GLY B 150 3.34 -7.03 -30.30
C GLY B 150 3.22 -5.59 -29.82
N LEU B 151 4.34 -5.01 -29.38
CA LEU B 151 4.37 -3.62 -28.95
C LEU B 151 3.59 -3.40 -27.65
N VAL B 152 3.56 -4.43 -26.81
CA VAL B 152 2.87 -4.42 -25.53
C VAL B 152 3.88 -4.65 -24.42
N ALA B 153 3.83 -3.85 -23.38
CA ALA B 153 4.64 -4.06 -22.19
C ALA B 153 3.69 -4.50 -21.07
N VAL B 154 3.99 -5.64 -20.49
CA VAL B 154 3.20 -6.17 -19.38
C VAL B 154 4.05 -6.15 -18.12
N HIS B 155 3.59 -5.42 -17.11
CA HIS B 155 4.30 -5.37 -15.82
C HIS B 155 4.48 -6.77 -15.25
N GLN B 156 5.63 -7.01 -14.60
CA GLN B 156 5.85 -8.26 -13.86
C GLN B 156 4.76 -8.47 -12.83
N PHE B 157 4.37 -9.74 -12.64
CA PHE B 157 3.34 -10.12 -11.66
C PHE B 157 1.88 -9.77 -12.02
N CYS B 158 1.65 -9.38 -13.27
CA CYS B 158 0.28 -9.18 -13.75
C CYS B 158 -0.33 -10.52 -14.17
N PHE B 159 -1.65 -10.59 -14.08
CA PHE B 159 -2.41 -11.75 -14.53
C PHE B 159 -3.29 -11.34 -15.71
N VAL B 160 -3.39 -12.23 -16.69
CA VAL B 160 -4.22 -12.00 -17.87
C VAL B 160 -5.23 -13.14 -17.88
N GLY B 161 -6.51 -12.79 -17.72
CA GLY B 161 -7.60 -13.79 -17.67
C GLY B 161 -7.91 -14.50 -18.98
N ASP B 162 -8.74 -15.53 -18.88
CA ASP B 162 -9.16 -16.34 -20.02
C ASP B 162 -9.81 -15.50 -21.11
N TYR B 163 -9.52 -15.84 -22.37
CA TYR B 163 -10.14 -15.19 -23.53
C TYR B 163 -10.00 -13.66 -23.55
N SER B 164 -8.93 -13.15 -22.95
CA SER B 164 -8.68 -11.72 -23.00
C SER B 164 -7.67 -11.35 -24.11
N MET B 165 -7.71 -10.09 -24.52
CA MET B 165 -6.81 -9.59 -25.54
C MET B 165 -6.17 -8.29 -25.11
N VAL B 166 -4.88 -8.16 -25.40
CA VAL B 166 -4.18 -6.89 -25.24
C VAL B 166 -3.72 -6.42 -26.60
N ALA B 167 -4.27 -5.28 -27.02
CA ALA B 167 -3.99 -4.67 -28.32
C ALA B 167 -2.62 -3.98 -28.36
N GLY B 168 -2.15 -3.74 -29.59
CA GLY B 168 -0.84 -3.16 -29.82
C GLY B 168 -0.68 -1.79 -29.21
N LEU B 169 0.54 -1.51 -28.77
CA LEU B 169 0.93 -0.21 -28.20
C LEU B 169 0.23 0.10 -26.88
N ALA B 170 0.10 -0.93 -26.05
CA ALA B 170 -0.48 -0.84 -24.71
C ALA B 170 0.58 -1.09 -23.65
N LYS B 171 0.45 -0.39 -22.52
CA LYS B 171 1.25 -0.68 -21.33
C LYS B 171 0.35 -1.20 -20.21
N VAL B 172 0.56 -2.45 -19.83
CA VAL B 172 -0.25 -3.11 -18.80
C VAL B 172 0.45 -3.04 -17.45
N VAL B 173 -0.21 -2.43 -16.47
CA VAL B 173 0.36 -2.28 -15.12
C VAL B 173 -0.41 -3.09 -14.05
N GLN B 174 -1.65 -3.46 -14.38
CA GLN B 174 -2.53 -4.24 -13.50
C GLN B 174 -3.18 -5.39 -14.28
N ASP B 175 -3.93 -6.24 -13.59
CA ASP B 175 -4.47 -7.45 -14.23
C ASP B 175 -5.46 -7.16 -15.36
N VAL B 176 -5.45 -8.05 -16.36
CA VAL B 176 -6.40 -7.98 -17.44
C VAL B 176 -7.51 -8.98 -17.14
N PRO B 177 -8.74 -8.48 -16.84
CA PRO B 177 -9.85 -9.33 -16.48
C PRO B 177 -10.31 -10.21 -17.64
N PRO B 178 -10.88 -11.39 -17.34
CA PRO B 178 -11.27 -12.34 -18.39
C PRO B 178 -12.32 -11.80 -19.36
N TYR B 179 -12.33 -12.34 -20.58
CA TYR B 179 -13.32 -12.02 -21.63
C TYR B 179 -13.22 -10.57 -22.13
N SER B 180 -12.14 -9.88 -21.77
CA SER B 180 -12.03 -8.46 -22.03
C SER B 180 -10.96 -8.12 -23.05
N THR B 181 -11.05 -6.91 -23.58
CA THR B 181 -10.02 -6.34 -24.42
C THR B 181 -9.48 -5.12 -23.71
N VAL B 182 -8.15 -5.07 -23.61
CA VAL B 182 -7.45 -3.94 -23.04
C VAL B 182 -6.65 -3.21 -24.12
N ASP B 183 -6.61 -1.88 -24.01
CA ASP B 183 -5.92 -1.02 -24.97
C ASP B 183 -5.37 0.23 -24.28
N GLY B 184 -4.37 0.86 -24.89
CA GLY B 184 -3.95 2.20 -24.48
C GLY B 184 -2.75 2.30 -23.58
N ASN B 185 -2.22 3.51 -23.46
CA ASN B 185 -1.14 3.82 -22.54
C ASN B 185 -1.39 5.20 -21.90
N PRO B 186 -1.74 5.22 -20.59
CA PRO B 186 -2.05 4.09 -19.71
C PRO B 186 -3.25 3.26 -20.17
N SER B 187 -3.16 1.95 -19.99
CA SER B 187 -4.16 1.03 -20.55
C SER B 187 -5.44 0.96 -19.72
N THR B 188 -6.50 0.51 -20.36
CA THR B 188 -7.82 0.36 -19.75
C THR B 188 -8.56 -0.77 -20.45
N VAL B 189 -9.57 -1.33 -19.78
CA VAL B 189 -10.54 -2.20 -20.45
C VAL B 189 -11.39 -1.34 -21.37
N VAL B 190 -11.33 -1.63 -22.66
CA VAL B 190 -12.08 -0.85 -23.65
C VAL B 190 -13.40 -1.51 -24.02
N GLY B 191 -13.47 -2.83 -23.83
CA GLY B 191 -14.66 -3.60 -24.18
C GLY B 191 -14.47 -5.08 -23.93
N LEU B 192 -15.40 -5.88 -24.42
CA LEU B 192 -15.34 -7.33 -24.26
C LEU B 192 -14.82 -8.02 -25.52
N ASN B 193 -14.17 -9.16 -25.33
CA ASN B 193 -13.71 -10.00 -26.44
C ASN B 193 -14.87 -10.87 -26.96
N SER B 194 -15.78 -10.23 -27.70
CA SER B 194 -16.95 -10.91 -28.25
C SER B 194 -16.60 -11.96 -29.30
N VAL B 195 -15.60 -11.64 -30.14
CA VAL B 195 -15.10 -12.56 -31.16
C VAL B 195 -14.62 -13.88 -30.56
N GLY B 196 -13.76 -13.79 -29.53
CA GLY B 196 -13.27 -14.96 -28.81
C GLY B 196 -14.36 -15.75 -28.11
N MET B 197 -15.32 -15.05 -27.51
CA MET B 197 -16.42 -15.70 -26.80
C MET B 197 -17.36 -16.50 -27.71
N LYS B 198 -17.64 -15.95 -28.89
CA LYS B 198 -18.47 -16.63 -29.89
C LYS B 198 -17.73 -17.85 -30.46
N ARG B 199 -16.43 -17.68 -30.68
CA ARG B 199 -15.55 -18.75 -31.14
C ARG B 199 -15.37 -19.87 -30.10
N ALA B 200 -15.71 -19.58 -28.84
CA ALA B 200 -15.63 -20.55 -27.75
C ALA B 200 -16.99 -21.22 -27.44
N GLY B 201 -17.96 -20.97 -28.31
CA GLY B 201 -19.29 -21.59 -28.19
C GLY B 201 -20.09 -21.12 -26.99
N PHE B 202 -19.76 -19.94 -26.48
CA PHE B 202 -20.52 -19.30 -25.40
C PHE B 202 -21.89 -18.95 -25.96
N SER B 203 -22.92 -19.38 -25.23
CA SER B 203 -24.28 -19.08 -25.62
C SER B 203 -24.56 -17.59 -25.42
N PRO B 204 -25.45 -17.01 -26.24
CA PRO B 204 -25.92 -15.65 -26.01
C PRO B 204 -26.22 -15.35 -24.54
N GLU B 205 -26.78 -16.33 -23.82
CA GLU B 205 -27.08 -16.17 -22.40
C GLU B 205 -25.82 -16.07 -21.53
N VAL B 206 -24.80 -16.87 -21.87
CA VAL B 206 -23.50 -16.81 -21.18
C VAL B 206 -22.78 -15.49 -21.52
N ARG B 207 -22.79 -15.10 -22.78
CA ARG B 207 -22.25 -13.81 -23.23
C ARG B 207 -22.95 -12.62 -22.60
N ASN B 208 -24.28 -12.68 -22.56
CA ASN B 208 -25.09 -11.66 -21.89
C ASN B 208 -24.85 -11.58 -20.39
N ALA B 209 -24.65 -12.72 -19.74
CA ALA B 209 -24.37 -12.75 -18.31
C ALA B 209 -23.01 -12.12 -17.99
N ILE B 210 -22.03 -12.38 -18.83
CA ILE B 210 -20.69 -11.78 -18.73
C ILE B 210 -20.77 -10.26 -18.91
N LYS B 211 -21.49 -9.81 -19.93
CA LYS B 211 -21.69 -8.37 -20.14
C LYS B 211 -22.34 -7.69 -18.94
N HIS B 212 -23.41 -8.29 -18.41
CA HIS B 212 -24.11 -7.73 -17.25
C HIS B 212 -23.21 -7.64 -16.01
N ALA B 213 -22.40 -8.68 -15.77
CA ALA B 213 -21.44 -8.69 -14.67
C ALA B 213 -20.52 -7.45 -14.71
N TYR B 214 -19.94 -7.20 -15.88
CA TYR B 214 -19.03 -6.06 -16.05
C TYR B 214 -19.75 -4.72 -16.03
N LYS B 215 -21.03 -4.71 -16.40
CA LYS B 215 -21.89 -3.53 -16.27
C LYS B 215 -22.00 -3.10 -14.81
N VAL B 216 -22.23 -4.07 -13.93
CA VAL B 216 -22.25 -3.82 -12.47
C VAL B 216 -20.85 -3.43 -11.98
N ILE B 217 -19.85 -4.22 -12.36
CA ILE B 217 -18.45 -3.98 -11.97
C ILE B 217 -17.93 -2.60 -12.40
N TYR B 218 -18.13 -2.24 -13.67
CA TYR B 218 -17.56 -1.02 -14.23
C TYR B 218 -18.51 0.15 -14.56
N HIS B 219 -19.80 -0.14 -14.80
CA HIS B 219 -20.70 0.87 -15.40
C HIS B 219 -21.93 1.25 -14.58
N SER B 220 -21.84 1.12 -13.26
CA SER B 220 -22.99 1.40 -12.42
C SER B 220 -22.74 2.46 -11.33
N GLY B 221 -21.65 3.20 -11.50
CA GLY B 221 -21.28 4.30 -10.59
C GLY B 221 -20.98 3.89 -9.17
N ILE B 222 -20.38 2.72 -9.00
CA ILE B 222 -20.06 2.17 -7.68
C ILE B 222 -18.64 1.59 -7.61
N SER B 223 -18.06 1.56 -6.40
CA SER B 223 -16.75 0.95 -6.14
C SER B 223 -16.70 -0.48 -6.66
N THR B 224 -15.51 -0.94 -7.03
CA THR B 224 -15.35 -2.33 -7.48
C THR B 224 -15.75 -3.32 -6.38
N ARG B 225 -15.36 -3.02 -5.13
CA ARG B 225 -15.69 -3.86 -3.99
C ARG B 225 -17.21 -3.96 -3.78
N LYS B 226 -17.89 -2.82 -3.82
CA LYS B 226 -19.36 -2.75 -3.75
C LYS B 226 -20.03 -3.55 -4.86
N ALA B 227 -19.52 -3.39 -6.08
CA ALA B 227 -20.02 -4.10 -7.27
C ALA B 227 -19.94 -5.63 -7.15
N LEU B 228 -18.78 -6.13 -6.74
CA LEU B 228 -18.56 -7.56 -6.56
C LEU B 228 -19.48 -8.15 -5.49
N ASP B 229 -19.64 -7.41 -4.39
CA ASP B 229 -20.57 -7.76 -3.31
C ASP B 229 -22.01 -7.81 -3.82
N GLU B 230 -22.38 -6.84 -4.66
CA GLU B 230 -23.71 -6.79 -5.28
C GLU B 230 -23.98 -7.96 -6.22
N LEU B 231 -23.01 -8.31 -7.06
CA LEU B 231 -23.11 -9.44 -7.98
C LEU B 231 -23.24 -10.79 -7.25
N GLU B 232 -22.39 -11.00 -6.25
CA GLU B 232 -22.46 -12.21 -5.44
C GLU B 232 -23.81 -12.38 -4.73
N ALA B 233 -24.33 -11.27 -4.20
CA ALA B 233 -25.60 -11.24 -3.47
C ALA B 233 -26.80 -11.56 -4.37
N SER B 234 -26.73 -11.17 -5.64
CA SER B 234 -27.82 -11.36 -6.59
C SER B 234 -28.19 -12.83 -6.90
N GLY B 235 -27.30 -13.77 -6.55
CA GLY B 235 -27.71 -15.16 -6.35
C GLY B 235 -27.18 -16.28 -7.24
N ASN B 236 -27.90 -16.52 -8.34
CA ASN B 236 -27.64 -17.66 -9.23
C ASN B 236 -26.61 -17.36 -10.32
N LEU B 237 -25.34 -17.44 -9.93
CA LEU B 237 -24.22 -17.07 -10.79
C LEU B 237 -23.77 -18.24 -11.65
N ILE B 238 -23.64 -17.98 -12.95
CA ILE B 238 -23.02 -18.93 -13.86
C ILE B 238 -21.51 -18.97 -13.62
N GLU B 239 -20.88 -20.08 -14.03
CA GLU B 239 -19.48 -20.39 -13.72
C GLU B 239 -18.49 -19.33 -14.19
N GLN B 240 -18.79 -18.70 -15.33
CA GLN B 240 -17.95 -17.64 -15.90
C GLN B 240 -17.98 -16.39 -15.04
N VAL B 241 -19.16 -16.06 -14.51
CA VAL B 241 -19.34 -14.87 -13.69
C VAL B 241 -18.73 -15.07 -12.29
N LYS B 242 -18.78 -16.30 -11.79
CA LYS B 242 -18.07 -16.70 -10.57
C LYS B 242 -16.57 -16.50 -10.72
N TYR B 243 -16.06 -16.85 -11.90
CA TYR B 243 -14.64 -16.74 -12.19
C TYR B 243 -14.20 -15.26 -12.26
N ILE B 244 -14.98 -14.43 -12.94
CA ILE B 244 -14.74 -12.98 -12.96
C ILE B 244 -14.58 -12.45 -11.53
N ILE B 245 -15.57 -12.75 -10.67
CA ILE B 245 -15.56 -12.33 -9.26
C ILE B 245 -14.30 -12.79 -8.52
N LYS B 246 -13.99 -14.08 -8.63
CA LYS B 246 -12.78 -14.64 -8.05
C LYS B 246 -11.50 -13.98 -8.60
N PHE B 247 -11.45 -13.75 -9.93
CA PHE B 247 -10.33 -13.03 -10.56
C PHE B 247 -10.04 -11.68 -9.90
N PHE B 248 -11.07 -10.85 -9.79
CA PHE B 248 -11.00 -9.57 -9.05
C PHE B 248 -10.64 -9.76 -7.57
N ARG B 249 -11.28 -10.72 -6.89
CA ARG B 249 -11.04 -10.95 -5.46
C ARG B 249 -9.60 -11.36 -5.15
N ASP B 250 -9.04 -12.25 -5.98
CA ASP B 250 -7.69 -12.79 -5.78
C ASP B 250 -6.54 -11.93 -6.34
N SER B 251 -6.88 -10.76 -6.91
CA SER B 251 -5.89 -9.91 -7.58
C SER B 251 -4.89 -9.29 -6.61
N ASP B 252 -3.61 -9.40 -6.95
CA ASP B 252 -2.51 -8.85 -6.13
C ASP B 252 -2.25 -7.39 -6.41
N ARG B 253 -2.11 -7.07 -7.70
CA ARG B 253 -1.76 -5.73 -8.14
C ARG B 253 -2.99 -4.86 -8.27
N GLY B 254 -4.15 -5.51 -8.33
CA GLY B 254 -5.38 -4.84 -8.66
C GLY B 254 -5.67 -5.09 -10.13
N VAL B 255 -6.89 -4.79 -10.54
CA VAL B 255 -7.35 -5.04 -11.91
C VAL B 255 -7.50 -3.72 -12.64
N THR B 256 -7.04 -3.71 -13.89
CA THR B 256 -7.14 -2.53 -14.78
C THR B 256 -8.55 -1.91 -14.77
N ASN B 257 -8.59 -0.59 -14.69
CA ASN B 257 -9.82 0.19 -14.82
C ASN B 257 -10.44 0.09 -16.21
N HIS B 258 -11.71 0.45 -16.31
CA HIS B 258 -12.42 0.53 -17.59
C HIS B 258 -12.33 1.95 -18.16
N ARG B 259 -12.31 2.04 -19.48
CA ARG B 259 -12.29 3.31 -20.20
C ARG B 259 -13.59 4.10 -19.97
N MET C 1 -0.72 9.59 39.99
CA MET C 1 -1.34 10.91 39.64
C MET C 1 -0.64 12.07 40.35
N LYS C 2 0.25 12.75 39.63
CA LYS C 2 0.89 14.00 40.06
C LYS C 2 2.02 14.40 39.11
N ILE C 3 1.87 15.60 38.56
CA ILE C 3 2.82 16.18 37.62
C ILE C 3 3.44 17.43 38.23
N HIS C 4 4.76 17.40 38.40
CA HIS C 4 5.48 18.54 38.98
C HIS C 4 5.30 19.81 38.14
N PRO C 5 5.00 20.94 38.82
CA PRO C 5 4.82 22.26 38.19
C PRO C 5 5.82 22.58 37.08
N THR C 6 7.08 22.19 37.27
CA THR C 6 8.18 22.52 36.36
C THR C 6 8.38 21.56 35.18
N ALA C 7 7.61 20.47 35.15
CA ALA C 7 7.64 19.58 33.99
C ALA C 7 7.01 20.31 32.82
N ILE C 8 7.59 20.12 31.62
CA ILE C 8 7.10 20.73 30.38
C ILE C 8 6.43 19.64 29.54
N ILE C 9 5.11 19.69 29.48
CA ILE C 9 4.34 18.66 28.77
C ILE C 9 3.50 19.30 27.67
N ASP C 10 3.69 18.83 26.45
CA ASP C 10 2.91 19.26 25.30
C ASP C 10 1.42 18.96 25.55
N PRO C 11 0.55 19.96 25.36
CA PRO C 11 -0.92 19.82 25.47
C PRO C 11 -1.50 18.62 24.71
N LYS C 12 -0.86 18.24 23.61
CA LYS C 12 -1.33 17.13 22.76
C LYS C 12 -0.91 15.74 23.27
N ALA C 13 0.11 15.68 24.12
CA ALA C 13 0.57 14.39 24.68
C ALA C 13 -0.56 13.75 25.48
N GLU C 14 -0.73 12.43 25.32
CA GLU C 14 -1.84 11.71 25.94
C GLU C 14 -1.34 10.82 27.06
N LEU C 15 -1.56 11.28 28.28
CA LEU C 15 -1.13 10.59 29.48
C LEU C 15 -2.34 10.11 30.28
N HIS C 16 -2.33 8.83 30.66
CA HIS C 16 -3.34 8.32 31.58
C HIS C 16 -3.29 9.12 32.88
N GLU C 17 -4.46 9.36 33.47
CA GLU C 17 -4.56 10.19 34.68
C GLU C 17 -3.57 9.81 35.79
N SER C 18 -3.24 8.53 35.88
CA SER C 18 -2.36 8.02 36.93
C SER C 18 -0.88 8.33 36.72
N VAL C 19 -0.51 8.76 35.51
CA VAL C 19 0.90 9.00 35.17
C VAL C 19 1.53 10.08 36.07
N GLU C 20 2.70 9.74 36.62
CA GLU C 20 3.48 10.67 37.41
C GLU C 20 4.68 11.15 36.60
N VAL C 21 4.88 12.47 36.57
CA VAL C 21 6.01 13.09 35.86
C VAL C 21 6.76 14.04 36.80
N GLY C 22 8.06 13.80 36.96
CA GLY C 22 8.88 14.54 37.92
C GLY C 22 9.41 15.88 37.45
N PRO C 23 10.26 16.52 38.27
CA PRO C 23 10.84 17.86 38.07
C PRO C 23 11.64 18.03 36.77
N TYR C 24 11.33 19.11 36.05
CA TYR C 24 12.10 19.55 34.88
C TYR C 24 12.16 18.52 33.73
N SER C 25 11.21 17.59 33.74
CA SER C 25 11.08 16.59 32.69
C SER C 25 10.31 17.17 31.51
N ILE C 26 10.61 16.66 30.32
CA ILE C 26 10.06 17.17 29.07
C ILE C 26 9.36 16.05 28.30
N ILE C 27 8.09 16.28 27.97
CA ILE C 27 7.32 15.36 27.15
C ILE C 27 6.79 16.12 25.93
N GLU C 28 7.13 15.64 24.75
CA GLU C 28 6.75 16.29 23.49
C GLU C 28 5.37 15.84 23.00
N GLY C 29 4.98 16.36 21.82
CA GLY C 29 3.74 15.97 21.15
C GLY C 29 3.87 14.62 20.50
N ASN C 30 2.76 14.07 20.00
CA ASN C 30 2.72 12.71 19.45
C ASN C 30 3.28 11.66 20.42
N VAL C 31 2.91 11.80 21.70
CA VAL C 31 3.31 10.86 22.75
C VAL C 31 2.07 10.29 23.45
N SER C 32 2.06 8.98 23.67
CA SER C 32 1.06 8.36 24.53
C SER C 32 1.75 7.58 25.66
N ILE C 33 1.22 7.75 26.88
CA ILE C 33 1.74 7.07 28.06
C ILE C 33 0.57 6.48 28.84
N GLN C 34 0.60 5.16 29.04
CA GLN C 34 -0.48 4.43 29.69
C GLN C 34 -0.38 4.37 31.23
N GLU C 35 -1.33 3.67 31.85
CA GLU C 35 -1.54 3.65 33.31
C GLU C 35 -0.35 3.15 34.13
N GLY C 36 -0.11 3.77 35.28
CA GLY C 36 0.86 3.27 36.23
C GLY C 36 2.32 3.65 35.95
N THR C 37 2.55 4.34 34.83
CA THR C 37 3.89 4.74 34.44
C THR C 37 4.38 5.93 35.26
N ILE C 38 5.61 5.82 35.76
CA ILE C 38 6.24 6.85 36.57
C ILE C 38 7.48 7.44 35.87
N ILE C 39 7.53 8.76 35.80
CA ILE C 39 8.67 9.46 35.22
C ILE C 39 9.31 10.37 36.27
N GLU C 40 10.59 10.16 36.53
CA GLU C 40 11.32 10.96 37.51
C GLU C 40 11.74 12.32 36.95
N GLY C 41 12.83 12.89 37.48
CA GLY C 41 13.29 14.21 37.06
C GLY C 41 14.12 14.20 35.80
N HIS C 42 14.13 15.31 35.08
CA HIS C 42 15.01 15.54 33.91
C HIS C 42 14.91 14.50 32.78
N VAL C 43 13.80 13.79 32.71
CA VAL C 43 13.55 12.80 31.66
C VAL C 43 13.01 13.51 30.42
N LYS C 44 13.38 12.98 29.25
CA LYS C 44 12.86 13.48 28.00
C LYS C 44 12.16 12.36 27.26
N ILE C 45 10.88 12.58 26.98
CA ILE C 45 10.09 11.68 26.13
C ILE C 45 9.83 12.41 24.83
N CYS C 46 10.36 11.86 23.74
CA CYS C 46 10.33 12.56 22.45
C CYS C 46 9.13 12.15 21.65
N ALA C 47 8.84 12.95 20.62
CA ALA C 47 7.76 12.66 19.68
C ALA C 47 7.92 11.27 19.08
N GLY C 48 6.79 10.57 18.98
CA GLY C 48 6.76 9.21 18.45
C GLY C 48 6.75 8.12 19.51
N SER C 49 6.98 8.48 20.77
CA SER C 49 7.04 7.50 21.87
C SER C 49 5.64 7.03 22.29
N GLU C 50 5.45 5.71 22.21
CA GLU C 50 4.20 5.09 22.64
C GLU C 50 4.49 4.14 23.78
N ILE C 51 4.11 4.55 24.99
CA ILE C 51 4.52 3.88 26.24
C ILE C 51 3.36 3.17 26.95
N GLY C 52 3.56 1.91 27.26
CA GLY C 52 2.56 1.08 27.95
C GLY C 52 2.45 1.32 29.45
N LYS C 53 2.08 0.27 30.16
CA LYS C 53 1.65 0.38 31.56
C LYS C 53 2.74 0.05 32.56
N PHE C 54 2.73 0.75 33.70
CA PHE C 54 3.61 0.45 34.84
C PHE C 54 5.12 0.47 34.52
N ASN C 55 5.51 1.36 33.63
CA ASN C 55 6.91 1.59 33.31
C ASN C 55 7.49 2.62 34.26
N ARG C 56 8.80 2.54 34.49
CA ARG C 56 9.50 3.59 35.23
C ARG C 56 10.68 4.17 34.45
N PHE C 57 10.76 5.49 34.44
CA PHE C 57 11.85 6.20 33.80
C PHE C 57 12.57 7.02 34.86
N HIS C 58 13.77 6.56 35.23
CA HIS C 58 14.62 7.23 36.24
C HIS C 58 15.25 8.50 35.71
N GLN C 59 15.83 9.30 36.61
CA GLN C 59 16.40 10.59 36.23
C GLN C 59 17.26 10.57 34.97
N GLY C 60 16.96 11.48 34.05
CA GLY C 60 17.82 11.71 32.89
C GLY C 60 17.72 10.71 31.76
N ALA C 61 16.84 9.71 31.89
CA ALA C 61 16.55 8.81 30.77
C ALA C 61 16.01 9.63 29.60
N VAL C 62 16.46 9.32 28.39
CA VAL C 62 15.94 9.95 27.18
C VAL C 62 15.31 8.91 26.24
N ILE C 63 14.08 9.18 25.82
CA ILE C 63 13.26 8.20 25.12
C ILE C 63 12.79 8.72 23.77
N GLY C 64 13.11 7.97 22.74
CA GLY C 64 12.74 8.32 21.39
C GLY C 64 13.59 9.39 20.72
N VAL C 65 14.81 9.60 21.21
CA VAL C 65 15.72 10.60 20.61
C VAL C 65 16.15 10.19 19.20
N MET C 66 16.64 11.16 18.43
CA MET C 66 16.98 10.96 17.02
C MET C 66 17.94 9.80 16.77
N PRO C 67 17.67 9.00 15.72
CA PRO C 67 18.64 7.98 15.32
C PRO C 67 20.03 8.59 15.13
N GLN C 68 21.06 7.86 15.56
CA GLN C 68 22.44 8.28 15.39
C GLN C 68 22.92 7.82 14.02
N ASP C 69 22.00 7.94 13.05
CA ASP C 69 22.20 7.61 11.65
C ASP C 69 22.21 8.94 10.90
N LEU C 70 23.35 9.28 10.31
CA LEU C 70 23.56 10.57 9.64
C LEU C 70 22.70 10.73 8.37
N GLY C 71 22.20 9.61 7.85
CA GLY C 71 21.35 9.63 6.67
C GLY C 71 19.87 9.77 6.96
N PHE C 72 19.50 9.77 8.25
CA PHE C 72 18.10 9.80 8.64
C PHE C 72 17.44 11.16 8.45
N ASN C 73 16.27 11.15 7.80
CA ASN C 73 15.46 12.35 7.57
C ASN C 73 14.71 12.72 8.85
N GLN C 74 15.16 13.80 9.50
CA GLN C 74 14.63 14.21 10.80
C GLN C 74 13.19 14.78 10.76
N GLN C 75 12.67 14.99 9.55
CA GLN C 75 11.30 15.47 9.38
C GLN C 75 10.30 14.31 9.32
N LEU C 76 10.76 13.11 9.68
CA LEU C 76 9.88 11.93 9.73
C LEU C 76 9.40 11.66 11.15
N LEU C 77 8.11 11.39 11.28
CA LEU C 77 7.55 10.94 12.54
C LEU C 77 7.78 9.44 12.63
N THR C 78 8.87 9.05 13.27
CA THR C 78 9.16 7.63 13.50
C THR C 78 8.94 7.33 14.98
N LYS C 79 8.85 6.06 15.32
CA LYS C 79 8.31 5.69 16.63
C LYS C 79 9.26 4.90 17.51
N THR C 80 8.98 4.99 18.80
CA THR C 80 9.58 4.19 19.84
C THR C 80 8.42 3.53 20.60
N VAL C 81 8.29 2.22 20.41
CA VAL C 81 7.20 1.46 21.02
C VAL C 81 7.71 0.67 22.23
N ILE C 82 7.11 0.95 23.38
CA ILE C 82 7.50 0.38 24.66
C ILE C 82 6.28 -0.26 25.33
N GLY C 83 6.43 -1.50 25.78
CA GLY C 83 5.36 -2.21 26.45
C GLY C 83 5.18 -1.88 27.92
N ASP C 84 5.01 -2.92 28.73
CA ASP C 84 4.60 -2.79 30.13
C ASP C 84 5.72 -3.20 31.07
N HIS C 85 5.76 -2.59 32.26
CA HIS C 85 6.63 -3.06 33.35
C HIS C 85 8.14 -3.03 33.04
N ASN C 86 8.53 -2.16 32.12
CA ASN C 86 9.95 -1.92 31.84
C ASN C 86 10.53 -0.90 32.80
N ILE C 87 11.82 -1.02 33.06
CA ILE C 87 12.52 -0.06 33.91
C ILE C 87 13.66 0.57 33.12
N PHE C 88 13.67 1.90 33.06
CA PHE C 88 14.73 2.63 32.38
C PHE C 88 15.49 3.47 33.41
N ARG C 89 16.75 3.09 33.64
CA ARG C 89 17.58 3.71 34.65
C ARG C 89 18.21 5.03 34.21
N GLU C 90 18.93 5.64 35.13
CA GLU C 90 19.52 6.96 34.96
C GLU C 90 20.35 7.09 33.68
N TYR C 91 19.97 8.07 32.86
CA TYR C 91 20.67 8.43 31.61
C TYR C 91 20.72 7.31 30.57
N SER C 92 19.85 6.32 30.72
CA SER C 92 19.66 5.32 29.68
C SER C 92 19.06 6.04 28.47
N ASN C 93 19.35 5.52 27.28
CA ASN C 93 18.98 6.23 26.07
CA ASN C 93 19.12 6.22 26.03
C ASN C 93 18.47 5.32 24.98
N ILE C 94 17.21 5.58 24.62
CA ILE C 94 16.51 4.77 23.63
C ILE C 94 16.17 5.60 22.41
N HIS C 95 16.62 5.12 21.25
CA HIS C 95 16.50 5.88 20.03
C HIS C 95 15.35 5.36 19.19
N LYS C 96 14.61 6.28 18.56
CA LYS C 96 13.48 5.92 17.69
C LYS C 96 13.95 5.26 16.40
N GLY C 97 13.00 4.70 15.66
CA GLY C 97 13.30 4.01 14.40
C GLY C 97 13.65 4.97 13.27
N THR C 98 14.08 4.43 12.13
CA THR C 98 14.49 5.26 11.00
C THR C 98 13.47 5.36 9.85
N LYS C 99 12.36 4.64 9.96
CA LYS C 99 11.27 4.76 8.98
C LYS C 99 9.92 4.79 9.69
N GLU C 100 8.91 5.26 8.96
CA GLU C 100 7.55 5.39 9.50
C GLU C 100 6.91 4.02 9.75
N ASP C 101 7.39 3.00 9.04
CA ASP C 101 6.95 1.63 9.22
C ASP C 101 8.04 0.76 9.90
N SER C 102 9.07 1.41 10.46
CA SER C 102 10.13 0.71 11.16
C SER C 102 10.40 1.38 12.51
N PRO C 103 9.60 1.04 13.55
CA PRO C 103 9.83 1.55 14.90
C PRO C 103 10.96 0.81 15.62
N THR C 104 11.52 1.45 16.66
CA THR C 104 12.28 0.74 17.69
C THR C 104 11.24 0.16 18.63
N VAL C 105 11.33 -1.13 18.89
CA VAL C 105 10.32 -1.86 19.67
C VAL C 105 10.92 -2.52 20.92
N ILE C 106 10.23 -2.37 22.05
CA ILE C 106 10.60 -2.97 23.33
C ILE C 106 9.35 -3.62 23.92
N GLY C 107 9.47 -4.87 24.36
CA GLY C 107 8.34 -5.60 24.93
C GLY C 107 8.05 -5.25 26.38
N ASN C 108 7.97 -6.30 27.21
CA ASN C 108 7.57 -6.13 28.60
C ASN C 108 8.65 -6.59 29.56
N LYS C 109 8.66 -5.99 30.75
CA LYS C 109 9.47 -6.49 31.87
C LYS C 109 10.99 -6.51 31.58
N ASN C 110 11.40 -5.58 30.72
CA ASN C 110 12.80 -5.39 30.39
C ASN C 110 13.44 -4.40 31.36
N TYR C 111 14.74 -4.56 31.59
CA TYR C 111 15.49 -3.69 32.47
C TYR C 111 16.69 -3.07 31.75
N PHE C 112 16.70 -1.74 31.73
CA PHE C 112 17.76 -0.99 31.08
C PHE C 112 18.56 -0.23 32.13
N MET C 113 19.75 -0.72 32.43
CA MET C 113 20.59 -0.13 33.47
C MET C 113 21.18 1.21 33.04
N GLY C 114 21.76 1.93 33.98
CA GLY C 114 22.22 3.30 33.76
C GLY C 114 23.16 3.42 32.58
N ASN C 115 22.97 4.47 31.79
CA ASN C 115 23.80 4.74 30.62
C ASN C 115 23.73 3.68 29.53
N SER C 116 22.76 2.77 29.59
CA SER C 116 22.65 1.76 28.52
C SER C 116 21.96 2.39 27.31
N HIS C 117 22.32 1.92 26.12
CA HIS C 117 21.90 2.50 24.85
C HIS C 117 21.23 1.47 23.95
N VAL C 118 20.02 1.79 23.50
CA VAL C 118 19.34 0.99 22.49
C VAL C 118 19.23 1.83 21.22
N GLY C 119 19.88 1.37 20.15
CA GLY C 119 19.95 2.10 18.89
C GLY C 119 18.70 2.01 18.03
N HIS C 120 18.65 2.84 17.00
CA HIS C 120 17.48 2.93 16.13
C HIS C 120 17.09 1.58 15.56
N ASP C 121 15.78 1.29 15.50
CA ASP C 121 15.28 0.07 14.85
C ASP C 121 15.60 -1.25 15.56
N CYS C 122 16.07 -1.16 16.80
CA CYS C 122 16.20 -2.36 17.62
C CYS C 122 14.84 -2.94 17.94
N ILE C 123 14.81 -4.26 18.05
CA ILE C 123 13.63 -5.01 18.45
C ILE C 123 14.03 -5.88 19.64
N LEU C 124 13.42 -5.64 20.80
CA LEU C 124 13.62 -6.47 21.98
C LEU C 124 12.30 -7.06 22.44
N GLY C 125 12.34 -8.32 22.83
CA GLY C 125 11.18 -9.00 23.37
C GLY C 125 10.96 -8.66 24.83
N ASN C 126 10.82 -9.70 25.65
CA ASN C 126 10.42 -9.57 27.04
C ASN C 126 11.51 -10.03 28.00
N ASN C 127 11.55 -9.41 29.18
CA ASN C 127 12.38 -9.88 30.29
C ASN C 127 13.89 -9.86 30.06
N ASN C 128 14.33 -8.99 29.16
CA ASN C 128 15.75 -8.86 28.87
C ASN C 128 16.40 -7.90 29.87
N ILE C 129 17.70 -8.08 30.08
CA ILE C 129 18.45 -7.14 30.91
C ILE C 129 19.63 -6.59 30.13
N LEU C 130 19.72 -5.26 30.14
CA LEU C 130 20.81 -4.54 29.51
C LEU C 130 21.60 -3.81 30.62
N THR C 131 22.75 -4.36 30.96
CA THR C 131 23.55 -3.89 32.10
C THR C 131 24.23 -2.57 31.81
N HIS C 132 24.86 -2.01 32.84
CA HIS C 132 25.39 -0.66 32.84
C HIS C 132 26.35 -0.33 31.70
N GLY C 133 26.05 0.76 31.00
CA GLY C 133 26.87 1.22 29.87
C GLY C 133 26.93 0.33 28.63
N ALA C 134 26.07 -0.70 28.57
CA ALA C 134 26.03 -1.57 27.40
C ALA C 134 25.37 -0.86 26.23
N VAL C 135 25.82 -1.21 25.02
CA VAL C 135 25.42 -0.55 23.80
C VAL C 135 24.92 -1.54 22.75
N LEU C 136 23.65 -1.39 22.39
CA LEU C 136 23.09 -2.07 21.23
C LEU C 136 23.07 -1.05 20.09
N ALA C 137 23.77 -1.35 19.00
CA ALA C 137 23.71 -0.51 17.79
C ALA C 137 22.34 -0.61 17.14
N GLY C 138 22.14 0.11 16.03
CA GLY C 138 20.90 0.03 15.28
C GLY C 138 20.64 -1.38 14.79
N HIS C 139 19.37 -1.73 14.61
CA HIS C 139 19.00 -3.01 14.01
C HIS C 139 19.50 -4.25 14.79
N VAL C 140 19.66 -4.12 16.10
CA VAL C 140 19.92 -5.30 16.95
C VAL C 140 18.59 -5.89 17.44
N THR C 141 18.47 -7.22 17.37
CA THR C 141 17.26 -7.92 17.79
C THR C 141 17.56 -8.91 18.94
N LEU C 142 16.84 -8.75 20.05
CA LEU C 142 16.89 -9.65 21.20
C LEU C 142 15.57 -10.39 21.36
N GLY C 143 15.63 -11.68 21.68
CA GLY C 143 14.43 -12.46 21.96
C GLY C 143 13.92 -12.22 23.37
N ASN C 144 13.83 -13.29 24.14
CA ASN C 144 13.31 -13.20 25.51
C ASN C 144 14.34 -13.63 26.52
N PHE C 145 14.40 -12.94 27.65
CA PHE C 145 15.27 -13.31 28.77
C PHE C 145 16.75 -13.36 28.41
N ALA C 146 17.19 -12.49 27.51
CA ALA C 146 18.61 -12.37 27.22
C ALA C 146 19.24 -11.44 28.27
N PHE C 147 20.47 -11.75 28.67
CA PHE C 147 21.21 -10.95 29.65
C PHE C 147 22.46 -10.39 28.98
N ILE C 148 22.50 -9.07 28.88
CA ILE C 148 23.66 -8.38 28.32
C ILE C 148 24.43 -7.68 29.45
N SER C 149 25.68 -8.09 29.66
CA SER C 149 26.48 -7.55 30.75
C SER C 149 27.03 -6.15 30.46
N GLY C 150 27.73 -5.61 31.45
CA GLY C 150 28.15 -4.22 31.44
C GLY C 150 29.17 -3.94 30.37
N LEU C 151 29.02 -2.79 29.71
CA LEU C 151 29.98 -2.32 28.70
C LEU C 151 30.13 -3.26 27.49
N VAL C 152 29.10 -4.05 27.22
CA VAL C 152 29.03 -4.85 25.99
C VAL C 152 28.69 -3.96 24.81
N ALA C 153 29.32 -4.24 23.66
CA ALA C 153 28.96 -3.58 22.40
C ALA C 153 28.46 -4.61 21.41
N VAL C 154 27.20 -4.48 20.99
CA VAL C 154 26.60 -5.34 19.96
C VAL C 154 26.50 -4.60 18.63
N HIS C 155 27.09 -5.22 17.61
CA HIS C 155 27.14 -4.70 16.24
C HIS C 155 25.75 -4.74 15.60
N GLN C 156 25.43 -3.72 14.79
CA GLN C 156 24.20 -3.70 13.99
C GLN C 156 23.91 -5.02 13.24
N PHE C 157 22.61 -5.35 13.15
CA PHE C 157 22.10 -6.54 12.44
C PHE C 157 22.35 -7.90 13.13
N CYS C 158 22.84 -7.86 14.36
CA CYS C 158 22.99 -9.07 15.14
C CYS C 158 21.67 -9.51 15.78
N PHE C 159 21.52 -10.82 15.90
CA PHE C 159 20.43 -11.44 16.65
C PHE C 159 20.94 -12.04 17.95
N VAL C 160 20.18 -11.84 19.02
CA VAL C 160 20.52 -12.38 20.34
C VAL C 160 19.37 -13.32 20.77
N GLY C 161 19.67 -14.61 20.84
CA GLY C 161 18.66 -15.65 21.14
C GLY C 161 18.15 -15.70 22.57
N ASP C 162 17.02 -16.38 22.77
CA ASP C 162 16.38 -16.48 24.10
C ASP C 162 17.33 -17.09 25.13
N TYR C 163 17.23 -16.58 26.36
CA TYR C 163 17.96 -17.12 27.52
C TYR C 163 19.48 -17.18 27.35
N SER C 164 20.01 -16.28 26.53
CA SER C 164 21.45 -16.23 26.33
C SER C 164 22.12 -15.22 27.27
N MET C 165 23.44 -15.30 27.35
CA MET C 165 24.22 -14.43 28.21
C MET C 165 25.43 -13.89 27.45
N VAL C 166 25.62 -12.58 27.50
CA VAL C 166 26.84 -11.96 26.98
C VAL C 166 27.59 -11.35 28.17
N ALA C 167 28.83 -11.80 28.37
CA ALA C 167 29.66 -11.40 29.50
C ALA C 167 30.21 -9.99 29.34
N GLY C 168 30.61 -9.38 30.46
CA GLY C 168 31.24 -8.05 30.50
C GLY C 168 32.21 -7.73 29.39
N LEU C 169 32.05 -6.54 28.81
CA LEU C 169 32.95 -6.00 27.79
C LEU C 169 33.14 -6.87 26.55
N ALA C 170 32.18 -7.74 26.25
CA ALA C 170 32.24 -8.56 25.04
C ALA C 170 31.96 -7.72 23.80
N LYS C 171 32.71 -8.00 22.74
CA LYS C 171 32.49 -7.34 21.46
C LYS C 171 31.73 -8.32 20.56
N VAL C 172 30.43 -8.09 20.43
CA VAL C 172 29.55 -8.98 19.67
C VAL C 172 29.47 -8.49 18.23
N VAL C 173 29.90 -9.33 17.29
CA VAL C 173 29.89 -8.98 15.86
C VAL C 173 29.03 -9.93 15.01
N GLN C 174 28.68 -11.07 15.60
CA GLN C 174 27.77 -12.05 15.01
C GLN C 174 26.70 -12.46 16.03
N ASP C 175 25.74 -13.25 15.58
CA ASP C 175 24.64 -13.69 16.44
C ASP C 175 25.07 -14.39 17.73
N VAL C 176 24.29 -14.16 18.79
CA VAL C 176 24.48 -14.83 20.06
C VAL C 176 23.39 -15.91 20.11
N PRO C 177 23.78 -17.19 20.05
CA PRO C 177 22.77 -18.25 19.90
C PRO C 177 21.97 -18.52 21.17
N PRO C 178 20.74 -19.04 21.03
CA PRO C 178 19.89 -19.24 22.21
C PRO C 178 20.51 -20.14 23.28
N TYR C 179 20.26 -19.81 24.55
CA TYR C 179 20.68 -20.64 25.70
C TYR C 179 22.20 -20.71 25.88
N SER C 180 22.91 -19.76 25.26
CA SER C 180 24.35 -19.79 25.23
C SER C 180 24.98 -18.63 25.97
N THR C 181 26.26 -18.79 26.25
CA THR C 181 27.07 -17.73 26.85
C THR C 181 28.14 -17.29 25.86
N VAL C 182 28.23 -15.97 25.64
CA VAL C 182 29.25 -15.37 24.77
C VAL C 182 30.16 -14.42 25.57
N ASP C 183 31.47 -14.51 25.34
CA ASP C 183 32.46 -13.67 26.03
C ASP C 183 33.66 -13.33 25.13
N GLY C 184 34.16 -12.11 25.22
CA GLY C 184 35.50 -11.80 24.69
C GLY C 184 35.62 -10.71 23.64
N ASN C 185 36.87 -10.45 23.27
CA ASN C 185 37.24 -9.64 22.14
C ASN C 185 38.54 -10.19 21.49
N PRO C 186 38.42 -10.95 20.37
CA PRO C 186 37.15 -11.32 19.71
C PRO C 186 36.26 -12.26 20.56
N SER C 187 34.95 -12.02 20.55
CA SER C 187 34.03 -12.85 21.32
C SER C 187 33.79 -14.23 20.70
N THR C 188 33.55 -15.21 21.56
CA THR C 188 33.24 -16.57 21.14
C THR C 188 32.12 -17.12 22.02
N VAL C 189 31.46 -18.17 21.55
CA VAL C 189 30.55 -18.94 22.41
C VAL C 189 31.39 -19.78 23.38
N VAL C 190 31.17 -19.57 24.66
CA VAL C 190 31.96 -20.19 25.72
C VAL C 190 31.35 -21.52 26.15
N GLY C 191 30.02 -21.59 26.06
CA GLY C 191 29.27 -22.78 26.42
C GLY C 191 27.81 -22.41 26.60
N LEU C 192 27.12 -23.20 27.42
CA LEU C 192 25.71 -22.99 27.70
C LEU C 192 25.50 -22.04 28.86
N ASN C 193 24.37 -21.34 28.80
CA ASN C 193 23.89 -20.53 29.89
C ASN C 193 22.94 -21.37 30.76
N SER C 194 23.52 -22.11 31.71
CA SER C 194 22.74 -23.07 32.51
C SER C 194 21.82 -22.41 33.54
N VAL C 195 22.18 -21.21 34.00
CA VAL C 195 21.33 -20.45 34.91
C VAL C 195 20.13 -19.83 34.17
N GLY C 196 20.30 -19.58 32.88
CA GLY C 196 19.20 -19.14 32.03
C GLY C 196 18.20 -20.25 31.85
N MET C 197 18.71 -21.45 31.55
CA MET C 197 17.87 -22.61 31.27
C MET C 197 17.16 -23.17 32.51
N LYS C 198 17.82 -23.13 33.65
CA LYS C 198 17.18 -23.56 34.91
C LYS C 198 16.00 -22.64 35.23
N ARG C 199 16.20 -21.34 34.98
CA ARG C 199 15.18 -20.32 35.21
C ARG C 199 14.23 -20.15 34.01
N ALA C 200 14.51 -20.87 32.93
CA ALA C 200 13.53 -21.11 31.87
C ALA C 200 12.60 -22.24 32.29
N GLY C 201 12.93 -22.87 33.42
CA GLY C 201 12.16 -24.00 33.96
C GLY C 201 12.34 -25.30 33.21
N PHE C 202 13.25 -25.31 32.24
CA PHE C 202 13.51 -26.50 31.42
C PHE C 202 13.80 -27.72 32.27
N SER C 203 13.18 -28.84 31.91
CA SER C 203 13.41 -30.11 32.59
C SER C 203 14.81 -30.60 32.26
N PRO C 204 15.40 -31.45 33.14
CA PRO C 204 16.70 -32.06 32.83
C PRO C 204 16.77 -32.64 31.41
N GLU C 205 15.64 -33.17 30.93
CA GLU C 205 15.53 -33.79 29.61
C GLU C 205 15.69 -32.75 28.49
N VAL C 206 14.98 -31.63 28.62
CA VAL C 206 15.05 -30.51 27.67
C VAL C 206 16.47 -29.91 27.63
N ARG C 207 17.08 -29.78 28.81
CA ARG C 207 18.46 -29.27 28.92
C ARG C 207 19.51 -30.21 28.31
N ASN C 208 19.33 -31.51 28.51
CA ASN C 208 20.18 -32.53 27.87
C ASN C 208 20.06 -32.50 26.35
N ALA C 209 18.84 -32.32 25.85
CA ALA C 209 18.56 -32.18 24.43
C ALA C 209 19.21 -30.91 23.83
N ILE C 210 19.10 -29.80 24.56
CA ILE C 210 19.76 -28.55 24.16
C ILE C 210 21.30 -28.71 24.14
N LYS C 211 21.84 -29.36 25.18
CA LYS C 211 23.28 -29.68 25.26
C LYS C 211 23.74 -30.60 24.14
N HIS C 212 22.94 -31.64 23.86
CA HIS C 212 23.27 -32.54 22.75
C HIS C 212 23.30 -31.80 21.40
N ALA C 213 22.34 -30.91 21.18
CA ALA C 213 22.29 -30.13 19.93
C ALA C 213 23.56 -29.31 19.71
N TYR C 214 24.09 -28.73 20.79
CA TYR C 214 25.31 -27.94 20.68
C TYR C 214 26.58 -28.79 20.65
N LYS C 215 26.50 -30.01 21.19
CA LYS C 215 27.58 -31.00 21.01
C LYS C 215 27.77 -31.32 19.53
N VAL C 216 26.67 -31.57 18.84
CA VAL C 216 26.69 -31.83 17.40
C VAL C 216 27.18 -30.60 16.63
N ILE C 217 26.58 -29.45 16.92
CA ILE C 217 26.91 -28.21 16.24
C ILE C 217 28.37 -27.82 16.45
N TYR C 218 28.83 -27.92 17.70
CA TYR C 218 30.13 -27.34 18.07
C TYR C 218 31.25 -28.33 18.40
N HIS C 219 30.92 -29.51 18.88
CA HIS C 219 31.94 -30.42 19.41
C HIS C 219 32.00 -31.77 18.69
N SER C 220 31.67 -31.79 17.40
CA SER C 220 31.60 -33.02 16.62
C SER C 220 32.52 -33.09 15.39
N GLY C 221 33.30 -32.04 15.17
CA GLY C 221 34.24 -32.00 14.04
C GLY C 221 33.56 -31.99 12.69
N ILE C 222 32.38 -31.39 12.63
CA ILE C 222 31.67 -31.21 11.37
C ILE C 222 31.31 -29.75 11.16
N SER C 223 31.20 -29.34 9.89
CA SER C 223 30.67 -28.04 9.50
C SER C 223 29.36 -27.78 10.22
N THR C 224 29.06 -26.50 10.44
CA THR C 224 27.77 -26.09 10.98
C THR C 224 26.60 -26.54 10.06
N ARG C 225 26.76 -26.41 8.75
CA ARG C 225 25.75 -26.86 7.78
C ARG C 225 25.48 -28.36 7.94
N LYS C 226 26.55 -29.15 7.96
CA LYS C 226 26.46 -30.60 8.11
C LYS C 226 25.99 -31.05 9.50
N ALA C 227 26.34 -30.27 10.52
CA ALA C 227 25.86 -30.49 11.89
C ALA C 227 24.34 -30.27 12.02
N LEU C 228 23.84 -29.24 11.35
CA LEU C 228 22.42 -28.94 11.28
C LEU C 228 21.64 -30.04 10.57
N ASP C 229 22.19 -30.53 9.44
CA ASP C 229 21.67 -31.70 8.72
C ASP C 229 21.57 -32.90 9.66
N GLU C 230 22.67 -33.17 10.37
CA GLU C 230 22.78 -34.32 11.27
C GLU C 230 21.70 -34.32 12.35
N LEU C 231 21.48 -33.18 13.00
CA LEU C 231 20.42 -33.04 14.00
C LEU C 231 19.03 -33.38 13.47
N GLU C 232 18.73 -32.89 12.26
CA GLU C 232 17.43 -33.07 11.63
C GLU C 232 17.18 -34.49 11.14
N ALA C 233 18.25 -35.22 10.86
CA ALA C 233 18.19 -36.62 10.45
C ALA C 233 18.24 -37.58 11.64
N SER C 234 18.36 -37.02 12.85
CA SER C 234 18.50 -37.82 14.06
C SER C 234 17.15 -38.20 14.68
N GLY C 235 16.07 -37.64 14.16
CA GLY C 235 14.71 -38.02 14.59
C GLY C 235 13.89 -36.89 15.18
N ASN C 236 12.90 -37.25 15.99
CA ASN C 236 11.98 -36.29 16.62
C ASN C 236 12.71 -35.23 17.42
N LEU C 237 12.64 -33.99 16.93
CA LEU C 237 13.27 -32.86 17.61
C LEU C 237 12.25 -32.07 18.42
N ILE C 238 12.66 -31.68 19.61
CA ILE C 238 11.85 -30.84 20.46
C ILE C 238 11.88 -29.39 19.97
N GLU C 239 10.94 -28.59 20.46
CA GLU C 239 10.77 -27.21 20.02
C GLU C 239 11.98 -26.31 20.27
N GLN C 240 12.66 -26.52 21.39
CA GLN C 240 13.85 -25.76 21.73
C GLN C 240 14.99 -26.03 20.73
N VAL C 241 15.13 -27.28 20.30
CA VAL C 241 16.15 -27.68 19.34
C VAL C 241 15.80 -27.21 17.91
N LYS C 242 14.53 -27.30 17.55
CA LYS C 242 14.02 -26.74 16.29
C LYS C 242 14.25 -25.23 16.23
N TYR C 243 14.16 -24.57 17.37
CA TYR C 243 14.43 -23.13 17.48
C TYR C 243 15.93 -22.85 17.27
N ILE C 244 16.77 -23.69 17.84
CA ILE C 244 18.23 -23.58 17.64
C ILE C 244 18.58 -23.68 16.15
N ILE C 245 18.08 -24.73 15.50
CA ILE C 245 18.34 -24.97 14.09
C ILE C 245 17.87 -23.80 13.24
N LYS C 246 16.65 -23.32 13.51
CA LYS C 246 16.09 -22.16 12.81
C LYS C 246 16.94 -20.90 13.00
N PHE C 247 17.40 -20.68 14.24
CA PHE C 247 18.25 -19.54 14.55
C PHE C 247 19.51 -19.51 13.68
N PHE C 248 20.20 -20.65 13.59
CA PHE C 248 21.39 -20.80 12.74
C PHE C 248 21.07 -20.66 11.24
N ARG C 249 19.98 -21.29 10.79
CA ARG C 249 19.55 -21.21 9.39
C ARG C 249 19.23 -19.80 8.92
N ASP C 250 18.50 -19.05 9.75
CA ASP C 250 17.99 -17.73 9.39
C ASP C 250 18.98 -16.60 9.63
N SER C 251 20.17 -16.95 10.12
CA SER C 251 21.16 -15.95 10.50
C SER C 251 21.64 -15.15 9.29
N ASP C 252 21.65 -13.84 9.43
CA ASP C 252 22.10 -12.94 8.38
C ASP C 252 23.62 -12.74 8.42
N ARG C 253 24.16 -12.41 9.59
CA ARG C 253 25.59 -12.15 9.75
C ARG C 253 26.43 -13.39 10.03
N GLY C 254 25.75 -14.48 10.37
CA GLY C 254 26.42 -15.67 10.89
C GLY C 254 26.30 -15.70 12.41
N VAL C 255 26.58 -16.84 13.01
CA VAL C 255 26.54 -17.02 14.45
C VAL C 255 27.98 -16.99 15.00
N THR C 256 28.17 -16.34 16.14
CA THR C 256 29.49 -16.28 16.81
C THR C 256 30.10 -17.68 16.87
N ASN C 257 31.36 -17.83 16.47
CA ASN C 257 31.92 -19.18 16.55
C ASN C 257 32.26 -19.56 17.99
N HIS C 258 32.44 -20.87 18.19
CA HIS C 258 32.73 -21.39 19.52
C HIS C 258 34.20 -21.19 19.84
N ARG C 259 34.51 -21.06 21.12
CA ARG C 259 35.88 -21.06 21.60
C ARG C 259 36.51 -22.44 21.43
#